data_1D3L
# 
_entry.id   1D3L 
# 
_audit_conform.dict_name       mmcif_pdbx.dic 
_audit_conform.dict_version    5.375 
_audit_conform.dict_location   http://mmcif.pdb.org/dictionaries/ascii/mmcif_pdbx.dic 
# 
loop_
_database_2.database_id 
_database_2.database_code 
_database_2.pdbx_database_accession 
_database_2.pdbx_DOI 
PDB   1D3L         pdb_00001d3l 10.2210/pdb1d3l/pdb 
RCSB  RCSB009760   ?            ?                   
WWPDB D_1000009760 ?            ?                   
# 
_pdbx_database_status.status_code                     REL 
_pdbx_database_status.entry_id                        1D3L 
_pdbx_database_status.recvd_initial_deposition_date   1999-09-29 
_pdbx_database_status.deposit_site                    RCSB 
_pdbx_database_status.process_site                    RCSB 
_pdbx_database_status.SG_entry                        . 
_pdbx_database_status.pdb_format_compatible           Y 
_pdbx_database_status.status_code_mr                  ? 
_pdbx_database_status.status_code_sf                  ? 
_pdbx_database_status.status_code_cs                  ? 
_pdbx_database_status.status_code_nmr_data            ? 
_pdbx_database_status.methods_development_category    ? 
# 
loop_
_audit_author.name 
_audit_author.pdbx_ordinal 
'Bella, J.'      1 
'Kolatkar, P.R.' 2 
'Rossmann, M.G.' 3 
# 
loop_
_citation.id 
_citation.title 
_citation.journal_abbrev 
_citation.journal_volume 
_citation.page_first 
_citation.page_last 
_citation.year 
_citation.journal_id_ASTM 
_citation.country 
_citation.journal_id_ISSN 
_citation.journal_id_CSD 
_citation.book_publisher 
_citation.pdbx_database_id_PubMed 
_citation.pdbx_database_id_DOI 
primary 'Structural studies of two rhinovirus serotypes complexed with fragments of their cellular receptor.' 'EMBO J.' 18  6249 
6259 1999 EMJODG UK 0261-4189 0897 ? 10562537 10.1093/emboj/18.22.6249 
1       
;The Structure of the Two Amino-Terminal Domains of Human Icam-1 Suggests How It Functions as a Rhinovirus Receptor and as an Lfa-1 Integrin Ligand.
;
Proc.Natl.Acad.Sci.USA 95  4140 ?    1998 PNASA6 US 0027-8424 0040 ? ?        10.1073/pnas.95.8.4140   
2       'A Dimeric Crystal Structure for the N-Terminal Two Domains of Intercellular Adhesion Molecule-1' Proc.Natl.Acad.Sci.USA 
95  4134 ?    1998 PNASA6 US 0027-8424 0040 ? ?        10.1073/pnas.95.8.4134   
3       'Preliminary X-Ray Crystallographic Analysis of Intercellular Adhesion Molecule-1' J.Mol.Biol.            225 1127 ?    
1992 JMOBAK UK 0022-2836 0070 ? ?        ?                        
# 
loop_
_citation_author.citation_id 
_citation_author.name 
_citation_author.ordinal 
_citation_author.identifier_ORCID 
primary 'Kolatkar, P.R.'   1  ? 
primary 'Bella, J.'        2  ? 
primary 'Olson, N.H.'      3  ? 
primary 'Bator, C.M.'      4  ? 
primary 'Baker, T.S.'      5  ? 
primary 'Rossmann, M.G.'   6  ? 
1       'Bella, J.'        7  ? 
1       'Kolatkar, P.R.'   8  ? 
1       'Marlor, C.W.'     9  ? 
1       'Greve, J.M.'      10 ? 
1       'Rossmann, M.G.'   11 ? 
2       'Casasnovas, J.M.' 12 ? 
2       'Stehle, T.'       13 ? 
2       'Liu, J.H.'        14 ? 
2       'Wang, J.H.'       15 ? 
2       'Springer, T.A.'   16 ? 
3       'Kolatkar, P.R.'   17 ? 
3       'Oliveira, M.A.'   18 ? 
3       'Rossmann, M.G.'   19 ? 
3       'Robbins, A.H.'    20 ? 
3       'Katti, S.'        21 ? 
3       'Hoover-Litty, H.' 22 ? 
3       'Forte, C.'        23 ? 
3       'Greve, J.M.'      24 ? 
3       'Mcclelland, A.'   25 ? 
3       'Olson, N.H.'      26 ? 
# 
_cell.entry_id           1D3L 
_cell.length_a           54.070 
_cell.length_b           54.070 
_cell.length_c           145.770 
_cell.angle_alpha        90.00 
_cell.angle_beta         90.00 
_cell.angle_gamma        120.00 
_cell.Z_PDB              6 
_cell.pdbx_unique_axis   ? 
# 
_symmetry.entry_id                         1D3L 
_symmetry.space_group_name_H-M             'P 31 2 1' 
_symmetry.pdbx_full_space_group_name_H-M   ? 
_symmetry.cell_setting                     ? 
_symmetry.Int_Tables_number                152 
# 
_entity.id                         1 
_entity.type                       polymer 
_entity.src_method                 nat 
_entity.pdbx_description           'PROTEIN (INTERCELLULAR ADHESION MOLECULE-1)' 
_entity.formula_weight             20438.260 
_entity.pdbx_number_of_molecules   1 
_entity.pdbx_ec                    ? 
_entity.pdbx_mutation              ? 
_entity.pdbx_fragment              'FIRST TWO DOMAINS, RESIDUES 1-185' 
_entity.details                    ? 
# 
_entity_name_com.entity_id   1 
_entity_name_com.name        ICAM-1 
# 
_entity_poly.entity_id                      1 
_entity_poly.type                           'polypeptide(L)' 
_entity_poly.nstd_linkage                   no 
_entity_poly.nstd_monomer                   no 
_entity_poly.pdbx_seq_one_letter_code       
;QTSVSPSKVILPRGGSVLVTCSTSCDQPKLLGIETPLPKKELLLPGNNRKVYELSNVQEDSQPMCYSNCPDGQSTAKTFL
TVYWTPERVELAPLPSWQPVGKNLTLRCQVEGGAPRANLTVVLLRGEKELKREPAVGEPAEVTTTVLVRRDHHGANFSCR
TELDLRPQGLELFENTSAPYQLQTF
;
_entity_poly.pdbx_seq_one_letter_code_can   
;QTSVSPSKVILPRGGSVLVTCSTSCDQPKLLGIETPLPKKELLLPGNNRKVYELSNVQEDSQPMCYSNCPDGQSTAKTFL
TVYWTPERVELAPLPSWQPVGKNLTLRCQVEGGAPRANLTVVLLRGEKELKREPAVGEPAEVTTTVLVRRDHHGANFSCR
TELDLRPQGLELFENTSAPYQLQTF
;
_entity_poly.pdbx_strand_id                 A 
_entity_poly.pdbx_target_identifier         ? 
# 
loop_
_entity_poly_seq.entity_id 
_entity_poly_seq.num 
_entity_poly_seq.mon_id 
_entity_poly_seq.hetero 
1 1   GLN n 
1 2   THR n 
1 3   SER n 
1 4   VAL n 
1 5   SER n 
1 6   PRO n 
1 7   SER n 
1 8   LYS n 
1 9   VAL n 
1 10  ILE n 
1 11  LEU n 
1 12  PRO n 
1 13  ARG n 
1 14  GLY n 
1 15  GLY n 
1 16  SER n 
1 17  VAL n 
1 18  LEU n 
1 19  VAL n 
1 20  THR n 
1 21  CYS n 
1 22  SER n 
1 23  THR n 
1 24  SER n 
1 25  CYS n 
1 26  ASP n 
1 27  GLN n 
1 28  PRO n 
1 29  LYS n 
1 30  LEU n 
1 31  LEU n 
1 32  GLY n 
1 33  ILE n 
1 34  GLU n 
1 35  THR n 
1 36  PRO n 
1 37  LEU n 
1 38  PRO n 
1 39  LYS n 
1 40  LYS n 
1 41  GLU n 
1 42  LEU n 
1 43  LEU n 
1 44  LEU n 
1 45  PRO n 
1 46  GLY n 
1 47  ASN n 
1 48  ASN n 
1 49  ARG n 
1 50  LYS n 
1 51  VAL n 
1 52  TYR n 
1 53  GLU n 
1 54  LEU n 
1 55  SER n 
1 56  ASN n 
1 57  VAL n 
1 58  GLN n 
1 59  GLU n 
1 60  ASP n 
1 61  SER n 
1 62  GLN n 
1 63  PRO n 
1 64  MET n 
1 65  CYS n 
1 66  TYR n 
1 67  SER n 
1 68  ASN n 
1 69  CYS n 
1 70  PRO n 
1 71  ASP n 
1 72  GLY n 
1 73  GLN n 
1 74  SER n 
1 75  THR n 
1 76  ALA n 
1 77  LYS n 
1 78  THR n 
1 79  PHE n 
1 80  LEU n 
1 81  THR n 
1 82  VAL n 
1 83  TYR n 
1 84  TRP n 
1 85  THR n 
1 86  PRO n 
1 87  GLU n 
1 88  ARG n 
1 89  VAL n 
1 90  GLU n 
1 91  LEU n 
1 92  ALA n 
1 93  PRO n 
1 94  LEU n 
1 95  PRO n 
1 96  SER n 
1 97  TRP n 
1 98  GLN n 
1 99  PRO n 
1 100 VAL n 
1 101 GLY n 
1 102 LYS n 
1 103 ASN n 
1 104 LEU n 
1 105 THR n 
1 106 LEU n 
1 107 ARG n 
1 108 CYS n 
1 109 GLN n 
1 110 VAL n 
1 111 GLU n 
1 112 GLY n 
1 113 GLY n 
1 114 ALA n 
1 115 PRO n 
1 116 ARG n 
1 117 ALA n 
1 118 ASN n 
1 119 LEU n 
1 120 THR n 
1 121 VAL n 
1 122 VAL n 
1 123 LEU n 
1 124 LEU n 
1 125 ARG n 
1 126 GLY n 
1 127 GLU n 
1 128 LYS n 
1 129 GLU n 
1 130 LEU n 
1 131 LYS n 
1 132 ARG n 
1 133 GLU n 
1 134 PRO n 
1 135 ALA n 
1 136 VAL n 
1 137 GLY n 
1 138 GLU n 
1 139 PRO n 
1 140 ALA n 
1 141 GLU n 
1 142 VAL n 
1 143 THR n 
1 144 THR n 
1 145 THR n 
1 146 VAL n 
1 147 LEU n 
1 148 VAL n 
1 149 ARG n 
1 150 ARG n 
1 151 ASP n 
1 152 HIS n 
1 153 HIS n 
1 154 GLY n 
1 155 ALA n 
1 156 ASN n 
1 157 PHE n 
1 158 SER n 
1 159 CYS n 
1 160 ARG n 
1 161 THR n 
1 162 GLU n 
1 163 LEU n 
1 164 ASP n 
1 165 LEU n 
1 166 ARG n 
1 167 PRO n 
1 168 GLN n 
1 169 GLY n 
1 170 LEU n 
1 171 GLU n 
1 172 LEU n 
1 173 PHE n 
1 174 GLU n 
1 175 ASN n 
1 176 THR n 
1 177 SER n 
1 178 ALA n 
1 179 PRO n 
1 180 TYR n 
1 181 GLN n 
1 182 LEU n 
1 183 GLN n 
1 184 THR n 
1 185 PHE n 
# 
_entity_src_nat.entity_id                  1 
_entity_src_nat.pdbx_src_id                1 
_entity_src_nat.pdbx_alt_source_flag       sample 
_entity_src_nat.pdbx_beg_seq_num           ? 
_entity_src_nat.pdbx_end_seq_num           ? 
_entity_src_nat.common_name                human 
_entity_src_nat.pdbx_organism_scientific   'Homo sapiens' 
_entity_src_nat.pdbx_ncbi_taxonomy_id      9606 
_entity_src_nat.genus                      Homo 
_entity_src_nat.species                    ? 
_entity_src_nat.strain                     ? 
_entity_src_nat.tissue                     ? 
_entity_src_nat.tissue_fraction            ? 
_entity_src_nat.pdbx_secretion             ? 
_entity_src_nat.pdbx_fragment              ? 
_entity_src_nat.pdbx_variant               ? 
_entity_src_nat.pdbx_cell_line             ? 
_entity_src_nat.pdbx_atcc                  ? 
_entity_src_nat.pdbx_cellular_location     ? 
_entity_src_nat.pdbx_organ                 ? 
_entity_src_nat.pdbx_organelle             ? 
_entity_src_nat.pdbx_cell                  ? 
_entity_src_nat.pdbx_plasmid_name          ? 
_entity_src_nat.pdbx_plasmid_details       ? 
_entity_src_nat.details                    ? 
# 
_struct_ref.id                         1 
_struct_ref.db_name                    UNP 
_struct_ref.db_code                    ICAM1_HUMAN 
_struct_ref.entity_id                  1 
_struct_ref.pdbx_db_accession          P05362 
_struct_ref.pdbx_db_isoform            ? 
_struct_ref.pdbx_seq_one_letter_code   ? 
_struct_ref.pdbx_align_begin           ? 
# 
_struct_ref_seq.align_id                      1 
_struct_ref_seq.ref_id                        1 
_struct_ref_seq.pdbx_PDB_id_code              1D3L 
_struct_ref_seq.pdbx_strand_id                A 
_struct_ref_seq.seq_align_beg                 1 
_struct_ref_seq.pdbx_seq_align_beg_ins_code   ? 
_struct_ref_seq.seq_align_end                 185 
_struct_ref_seq.pdbx_seq_align_end_ins_code   ? 
_struct_ref_seq.pdbx_db_accession             P05362 
_struct_ref_seq.db_align_beg                  28 
_struct_ref_seq.pdbx_db_align_beg_ins_code    ? 
_struct_ref_seq.db_align_end                  212 
_struct_ref_seq.pdbx_db_align_end_ins_code    ? 
_struct_ref_seq.pdbx_auth_seq_align_beg       1 
_struct_ref_seq.pdbx_auth_seq_align_end       185 
# 
loop_
_chem_comp.id 
_chem_comp.type 
_chem_comp.mon_nstd_flag 
_chem_comp.name 
_chem_comp.pdbx_synonyms 
_chem_comp.formula 
_chem_comp.formula_weight 
ALA 'L-peptide linking' y ALANINE         ? 'C3 H7 N O2'     89.093  
ARG 'L-peptide linking' y ARGININE        ? 'C6 H15 N4 O2 1' 175.209 
ASN 'L-peptide linking' y ASPARAGINE      ? 'C4 H8 N2 O3'    132.118 
ASP 'L-peptide linking' y 'ASPARTIC ACID' ? 'C4 H7 N O4'     133.103 
CYS 'L-peptide linking' y CYSTEINE        ? 'C3 H7 N O2 S'   121.158 
GLN 'L-peptide linking' y GLUTAMINE       ? 'C5 H10 N2 O3'   146.144 
GLU 'L-peptide linking' y 'GLUTAMIC ACID' ? 'C5 H9 N O4'     147.129 
GLY 'peptide linking'   y GLYCINE         ? 'C2 H5 N O2'     75.067  
HIS 'L-peptide linking' y HISTIDINE       ? 'C6 H10 N3 O2 1' 156.162 
ILE 'L-peptide linking' y ISOLEUCINE      ? 'C6 H13 N O2'    131.173 
LEU 'L-peptide linking' y LEUCINE         ? 'C6 H13 N O2'    131.173 
LYS 'L-peptide linking' y LYSINE          ? 'C6 H15 N2 O2 1' 147.195 
MET 'L-peptide linking' y METHIONINE      ? 'C5 H11 N O2 S'  149.211 
PHE 'L-peptide linking' y PHENYLALANINE   ? 'C9 H11 N O2'    165.189 
PRO 'L-peptide linking' y PROLINE         ? 'C5 H9 N O2'     115.130 
SER 'L-peptide linking' y SERINE          ? 'C3 H7 N O3'     105.093 
THR 'L-peptide linking' y THREONINE       ? 'C4 H9 N O3'     119.119 
TRP 'L-peptide linking' y TRYPTOPHAN      ? 'C11 H12 N2 O2'  204.225 
TYR 'L-peptide linking' y TYROSINE        ? 'C9 H11 N O3'    181.189 
VAL 'L-peptide linking' y VALINE          ? 'C5 H11 N O2'    117.146 
# 
_exptl.entry_id          1D3L 
_exptl.method            'X-RAY DIFFRACTION' 
_exptl.crystals_number   ? 
# 
_exptl_crystal.id                    1 
_exptl_crystal.density_meas          ? 
_exptl_crystal.density_Matthews      3.01 
_exptl_crystal.density_percent_sol   59.10 
_exptl_crystal.description           ? 
# 
_exptl_crystal_grow.crystal_id      1 
_exptl_crystal_grow.method          ? 
_exptl_crystal_grow.temp            ? 
_exptl_crystal_grow.temp_details    ? 
_exptl_crystal_grow.pH              ? 
_exptl_crystal_grow.pdbx_details    
;PROTEIN WAS DESIALATED WITH NEURAMINIDASE (8 HR AT 37 DEGREES IN 100 MM SODIUM  
ACETATE, PH 6.5, 10 MG/ML PROTEIN, 0.1 ENZYME UNIT/ML), DIALYZED AGAINST 10 MM TRIS, 25 MM NACL (PH 6.0), AND  
PASSED THROUGH MONO-Q COLUMN. DESIALATED MATERIAL WAS  
CRYSTALLIZED BY HANGING DROP METHODS: 17 MG/ML PROTEIN  
IN BUFFER: 10 MM TRIS,25 MM NACL,1 MM MGCL2,1 MM CACL2,  
WAS PRECIPITATED FROM 24-27% PEG 3350 IN SAME BUFFER.
;
_exptl_crystal_grow.pdbx_pH_range   . 
# 
_diffrn.id                     1 
_diffrn.ambient_temp           ? 
_diffrn.ambient_temp_details   ? 
_diffrn.crystal_id             1 
# 
_diffrn_radiation.diffrn_id                        1 
_diffrn_radiation.wavelength_id                    1 
_diffrn_radiation.pdbx_monochromatic_or_laue_m_l   M 
_diffrn_radiation.monochromator                    ? 
_diffrn_radiation.pdbx_diffrn_protocol             'SINGLE WAVELENGTH' 
_diffrn_radiation.pdbx_scattering_type             x-ray 
# 
_diffrn_radiation_wavelength.id           1 
_diffrn_radiation_wavelength.wavelength   . 
_diffrn_radiation_wavelength.wt           1.0 
# 
_reflns.entry_id                     1D3L 
_reflns.observed_criterion_sigma_I   ? 
_reflns.observed_criterion_sigma_F   ? 
_reflns.d_resolution_low             26.582 
_reflns.d_resolution_high            2.816 
_reflns.number_obs                   4634 
_reflns.number_all                   ? 
_reflns.percent_possible_obs         72.1 
_reflns.pdbx_Rmerge_I_obs            ? 
_reflns.pdbx_Rsym_value              ? 
_reflns.pdbx_netI_over_sigmaI        ? 
_reflns.B_iso_Wilson_estimate        ? 
_reflns.pdbx_redundancy              ? 
_reflns.R_free_details               ? 
_reflns.limit_h_max                  ? 
_reflns.limit_h_min                  ? 
_reflns.limit_k_max                  ? 
_reflns.limit_k_min                  ? 
_reflns.limit_l_max                  ? 
_reflns.limit_l_min                  ? 
_reflns.observed_criterion_F_max     ? 
_reflns.observed_criterion_F_min     ? 
_reflns.pdbx_ordinal                 1 
_reflns.pdbx_diffrn_id               1 
# 
_reflns_shell.d_res_high             2.82 
_reflns_shell.d_res_low              2.94 
_reflns_shell.percent_possible_all   21.8 
_reflns_shell.Rmerge_I_obs           ? 
_reflns_shell.pdbx_Rsym_value        ? 
_reflns_shell.meanI_over_sigI_obs    ? 
_reflns_shell.pdbx_redundancy        ? 
_reflns_shell.percent_possible_obs   ? 
_reflns_shell.number_unique_all      ? 
_reflns_shell.pdbx_ordinal           1 
_reflns_shell.pdbx_diffrn_id         1 
# 
_refine.entry_id                                 1D3L 
_refine.ls_number_reflns_obs                     3841 
_refine.ls_number_reflns_all                     ? 
_refine.pdbx_ls_sigma_I                          ? 
_refine.pdbx_ls_sigma_F                          0.000 
_refine.pdbx_data_cutoff_high_absF               ? 
_refine.pdbx_data_cutoff_low_absF                ? 
_refine.pdbx_data_cutoff_high_rms_absF           ? 
_refine.ls_d_res_low                             15.00 
_refine.ls_d_res_high                            3.25 
_refine.ls_percent_reflns_obs                    91.8 
_refine.ls_R_factor_obs                          ? 
_refine.ls_R_factor_all                          ? 
_refine.ls_R_factor_R_work                       0.3710000 
_refine.ls_R_factor_R_free                       ? 
_refine.ls_R_factor_R_free_error                 ? 
_refine.ls_R_factor_R_free_error_details         ? 
_refine.ls_percent_reflns_R_free                 ? 
_refine.ls_number_reflns_R_free                  ? 
_refine.ls_number_parameters                     ? 
_refine.ls_number_restraints                     ? 
_refine.occupancy_min                            ? 
_refine.occupancy_max                            ? 
_refine.B_iso_mean                               41.89 
_refine.aniso_B[1][1]                            ? 
_refine.aniso_B[2][2]                            ? 
_refine.aniso_B[3][3]                            ? 
_refine.aniso_B[1][2]                            ? 
_refine.aniso_B[1][3]                            ? 
_refine.aniso_B[2][3]                            ? 
_refine.solvent_model_details                    ? 
_refine.solvent_model_param_ksol                 ? 
_refine.solvent_model_param_bsol                 ? 
_refine.pdbx_ls_cross_valid_method               ? 
_refine.details                                  'COORDINATES AFTER RIGID-BODY REFINEMENT' 
_refine.pdbx_starting_model                      'PDB ENTRY 1IAM' 
_refine.pdbx_method_to_determine_struct          'MOLECULAR REPLACEMENT' 
_refine.pdbx_isotropic_thermal_model             ? 
_refine.pdbx_stereochemistry_target_values       ? 
_refine.pdbx_stereochem_target_val_spec_case     ? 
_refine.pdbx_R_Free_selection_details            ? 
_refine.pdbx_overall_ESU_R                       ? 
_refine.pdbx_overall_ESU_R_Free                  ? 
_refine.overall_SU_ML                            ? 
_refine.overall_SU_B                             ? 
_refine.ls_redundancy_reflns_obs                 ? 
_refine.B_iso_min                                ? 
_refine.B_iso_max                                ? 
_refine.pdbx_refine_id                           'X-RAY DIFFRACTION' 
_refine.pdbx_diffrn_id                           1 
_refine.pdbx_TLS_residual_ADP_flag               ? 
_refine.correlation_coeff_Fo_to_Fc               ? 
_refine.correlation_coeff_Fo_to_Fc_free          ? 
_refine.pdbx_solvent_vdw_probe_radii             ? 
_refine.pdbx_solvent_ion_probe_radii             ? 
_refine.pdbx_solvent_shrinkage_radii             ? 
_refine.pdbx_overall_phase_error                 ? 
_refine.overall_SU_R_Cruickshank_DPI             ? 
_refine.pdbx_overall_SU_R_free_Cruickshank_DPI   ? 
_refine.pdbx_overall_SU_R_Blow_DPI               ? 
_refine.pdbx_overall_SU_R_free_Blow_DPI          ? 
# 
_refine_hist.pdbx_refine_id                   'X-RAY DIFFRACTION' 
_refine_hist.cycle_id                         LAST 
_refine_hist.pdbx_number_atoms_protein        185 
_refine_hist.pdbx_number_atoms_nucleic_acid   0 
_refine_hist.pdbx_number_atoms_ligand         0 
_refine_hist.number_atoms_solvent             0 
_refine_hist.number_atoms_total               185 
_refine_hist.d_res_high                       3.25 
_refine_hist.d_res_low                        15.00 
# 
_struct.entry_id                  1D3L 
_struct.title                     
'D1D2-ICAM-1 FULLY GLYCOSYLATED, VARIATION OF D1-D2 INTERDOMAIN ANGLE IN DIFFERENT CRYSTAL STRUCTURES.' 
_struct.pdbx_model_details        ? 
_struct.pdbx_CASP_flag            ? 
_struct.pdbx_model_type_details   ? 
# 
_struct_keywords.entry_id        1D3L 
_struct_keywords.pdbx_keywords   'CELL ADHESION' 
_struct_keywords.text            'RHINOVIRUS RECEPTOR, ADHESION PROTEIN, GLYCOPROTEIN, IMMUNOGLOBULIN FOLD, CELL ADHESION' 
# 
_struct_asym.id                            A 
_struct_asym.pdbx_blank_PDB_chainid_flag   N 
_struct_asym.pdbx_modified                 N 
_struct_asym.entity_id                     1 
_struct_asym.details                       ? 
# 
_struct_biol.id   1 
# 
loop_
_struct_conf.conf_type_id 
_struct_conf.id 
_struct_conf.pdbx_PDB_helix_id 
_struct_conf.beg_label_comp_id 
_struct_conf.beg_label_asym_id 
_struct_conf.beg_label_seq_id 
_struct_conf.pdbx_beg_PDB_ins_code 
_struct_conf.end_label_comp_id 
_struct_conf.end_label_asym_id 
_struct_conf.end_label_seq_id 
_struct_conf.pdbx_end_PDB_ins_code 
_struct_conf.beg_auth_comp_id 
_struct_conf.beg_auth_asym_id 
_struct_conf.beg_auth_seq_id 
_struct_conf.end_auth_comp_id 
_struct_conf.end_auth_asym_id 
_struct_conf.end_auth_seq_id 
_struct_conf.pdbx_PDB_helix_class 
_struct_conf.details 
_struct_conf.pdbx_PDB_helix_length 
HELX_P HELX_P1 1 ARG A 116 ? ASN A 118 ? ARG A 116 ASN A 118 5 ? 3 
HELX_P HELX_P2 2 ARG A 166 ? GLN A 168 ? ARG A 166 GLN A 168 5 ? 3 
# 
_struct_conf_type.id          HELX_P 
_struct_conf_type.criteria    ? 
_struct_conf_type.reference   ? 
# 
loop_
_struct_sheet.id 
_struct_sheet.type 
_struct_sheet.number_strands 
_struct_sheet.details 
A ? 4 ? 
B ? 2 ? 
C ? 3 ? 
D ? 3 ? 
E ? 4 ? 
# 
loop_
_struct_sheet_order.sheet_id 
_struct_sheet_order.range_id_1 
_struct_sheet_order.range_id_2 
_struct_sheet_order.offset 
_struct_sheet_order.sense 
A 1 2 ? anti-parallel 
A 2 3 ? anti-parallel 
A 3 4 ? anti-parallel 
B 1 2 ? parallel      
C 1 2 ? anti-parallel 
C 2 3 ? anti-parallel 
D 1 2 ? anti-parallel 
D 2 3 ? anti-parallel 
E 1 2 ? anti-parallel 
E 2 3 ? anti-parallel 
E 3 4 ? anti-parallel 
# 
loop_
_struct_sheet_range.sheet_id 
_struct_sheet_range.id 
_struct_sheet_range.beg_label_comp_id 
_struct_sheet_range.beg_label_asym_id 
_struct_sheet_range.beg_label_seq_id 
_struct_sheet_range.pdbx_beg_PDB_ins_code 
_struct_sheet_range.end_label_comp_id 
_struct_sheet_range.end_label_asym_id 
_struct_sheet_range.end_label_seq_id 
_struct_sheet_range.pdbx_end_PDB_ins_code 
_struct_sheet_range.beg_auth_comp_id 
_struct_sheet_range.beg_auth_asym_id 
_struct_sheet_range.beg_auth_seq_id 
_struct_sheet_range.end_auth_comp_id 
_struct_sheet_range.end_auth_asym_id 
_struct_sheet_range.end_auth_seq_id 
A 1 THR A 2   ? SER A 5   ? THR A 2   SER A 5   
A 2 VAL A 17  ? THR A 23  ? VAL A 17  THR A 23  
A 3 ARG A 49  ? SER A 55  ? ARG A 49  SER A 55  
A 4 PRO A 38  ? LEU A 42  ? PRO A 38  LEU A 42  
B 1 LYS A 8   ? PRO A 12  ? LYS A 8   PRO A 12  
B 2 PHE A 79  ? TYR A 83  ? PHE A 79  TYR A 83  
C 1 LEU A 30  ? GLU A 34  ? LEU A 30  GLU A 34  
C 2 MET A 64  ? ASN A 68  ? MET A 64  ASN A 68  
C 3 GLN A 73  ? LYS A 77  ? GLN A 73  LYS A 77  
D 1 ARG A 88  ? LEU A 91  ? ARG A 88  LEU A 91  
D 2 ASN A 103 ? GLU A 111 ? ASN A 103 GLU A 111 
D 3 ALA A 140 ? LEU A 147 ? ALA A 140 LEU A 147 
E 1 LEU A 172 ? THR A 176 ? LEU A 172 THR A 176 
E 2 PHE A 157 ? ASP A 164 ? PHE A 157 ASP A 164 
E 3 LEU A 119 ? ARG A 125 ? LEU A 119 ARG A 125 
E 4 LYS A 128 ? PRO A 134 ? LYS A 128 PRO A 134 
# 
loop_
_struct_site.id 
_struct_site.pdbx_evidence_code 
_struct_site.pdbx_auth_asym_id 
_struct_site.pdbx_auth_comp_id 
_struct_site.pdbx_auth_seq_id 
_struct_site.pdbx_auth_ins_code 
_struct_site.pdbx_num_residues 
_struct_site.details 
GS1 Author ? ? ? ? 1 'N-GLYCOSYLATION SITE' 
GS2 Author ? ? ? ? 1 'N-GLYCOSYLATION SITE' 
GS3 Author ? ? ? ? 1 'N-GLYCOSYLATION SITE' 
GS4 Author ? ? ? ? 1 'N-GLYCOSYLATION SITE' 
# 
loop_
_struct_site_gen.id 
_struct_site_gen.site_id 
_struct_site_gen.pdbx_num_res 
_struct_site_gen.label_comp_id 
_struct_site_gen.label_asym_id 
_struct_site_gen.label_seq_id 
_struct_site_gen.pdbx_auth_ins_code 
_struct_site_gen.auth_comp_id 
_struct_site_gen.auth_asym_id 
_struct_site_gen.auth_seq_id 
_struct_site_gen.label_atom_id 
_struct_site_gen.label_alt_id 
_struct_site_gen.symmetry 
_struct_site_gen.details 
1 GS1 1 ASN A 103 ? ASN A 103 . ? 1_555 ? 
2 GS2 1 ASN A 118 ? ASN A 118 . ? 1_555 ? 
3 GS3 1 ASN A 156 ? ASN A 156 . ? 1_555 ? 
4 GS4 1 ASN A 175 ? ASN A 175 . ? 1_555 ? 
# 
_atom_sites.entry_id                    1D3L 
_atom_sites.fract_transf_matrix[1][1]   0.01658452 
_atom_sites.fract_transf_matrix[1][2]   -0.01326526 
_atom_sites.fract_transf_matrix[1][3]   -0.00225195 
_atom_sites.fract_transf_matrix[2][1]   0.00147206 
_atom_sites.fract_transf_matrix[2][2]   -0.01241047 
_atom_sites.fract_transf_matrix[2][3]   -0.01731739 
_atom_sites.fract_transf_matrix[3][1]   0.00350438 
_atom_sites.fract_transf_matrix[3][2]   0.00493053 
_atom_sites.fract_transf_matrix[3][3]   -0.00323556 
_atom_sites.fract_transf_vector[1]      -0.159095 
_atom_sites.fract_transf_vector[2]      0.036807 
_atom_sites.fract_transf_vector[3]      0.104437 
# 
_atom_type.symbol   C 
# 
loop_
_atom_site.group_PDB 
_atom_site.id 
_atom_site.type_symbol 
_atom_site.label_atom_id 
_atom_site.label_alt_id 
_atom_site.label_comp_id 
_atom_site.label_asym_id 
_atom_site.label_entity_id 
_atom_site.label_seq_id 
_atom_site.pdbx_PDB_ins_code 
_atom_site.Cartn_x 
_atom_site.Cartn_y 
_atom_site.Cartn_z 
_atom_site.occupancy 
_atom_site.B_iso_or_equiv 
_atom_site.pdbx_formal_charge 
_atom_site.auth_seq_id 
_atom_site.auth_comp_id 
_atom_site.auth_asym_id 
_atom_site.auth_atom_id 
_atom_site.pdbx_PDB_model_num 
ATOM 1   C CA . GLN A 1 1   ? 20.620  -24.720 -0.283  1.00 41.89 ? 1   GLN A CA 1 
ATOM 2   C CA . THR A 1 2   ? 18.031  -22.959 1.871   1.00 41.89 ? 2   THR A CA 1 
ATOM 3   C CA . SER A 1 3   ? 14.492  -22.501 0.589   1.00 41.89 ? 3   SER A CA 1 
ATOM 4   C CA . VAL A 1 4   ? 12.584  -20.049 2.776   1.00 41.89 ? 4   VAL A CA 1 
ATOM 5   C CA . SER A 1 5   ? 8.781   -20.114 2.704   1.00 41.89 ? 5   SER A CA 1 
ATOM 6   C CA . PRO A 1 6   ? 6.561   -18.424 1.761   1.00 41.89 ? 6   PRO A CA 1 
ATOM 7   C CA . SER A 1 7   ? 7.743   -16.455 -1.285  1.00 41.89 ? 7   SER A CA 1 
ATOM 8   C CA . LYS A 1 8   ? 6.009   -13.065 -1.070  1.00 41.89 ? 8   LYS A CA 1 
ATOM 9   C CA . VAL A 1 9   ? 3.782   -11.843 1.754   1.00 41.89 ? 9   VAL A CA 1 
ATOM 10  C CA . ILE A 1 10  ? 1.456   -8.844  1.607   1.00 41.89 ? 10  ILE A CA 1 
ATOM 11  C CA . LEU A 1 11  ? 1.071   -8.068  5.312   1.00 41.89 ? 11  LEU A CA 1 
ATOM 12  C CA . PRO A 1 12  ? -0.714  -5.145  7.025   1.00 41.89 ? 12  PRO A CA 1 
ATOM 13  C CA . ARG A 1 13  ? 1.160   -2.007  8.070   1.00 41.89 ? 13  ARG A CA 1 
ATOM 14  C CA . GLY A 1 14  ? 3.117   -2.925  11.188  1.00 41.89 ? 14  GLY A CA 1 
ATOM 15  C CA . GLY A 1 15  ? 1.829   -6.486  11.091  1.00 41.89 ? 15  GLY A CA 1 
ATOM 16  C CA . SER A 1 16  ? 3.741   -9.703  11.724  1.00 41.89 ? 16  SER A CA 1 
ATOM 17  C CA . VAL A 1 17  ? 4.534   -12.758 9.582   1.00 41.89 ? 17  VAL A CA 1 
ATOM 18  C CA . LEU A 1 18  ? 5.635   -16.328 10.296  1.00 41.89 ? 18  LEU A CA 1 
ATOM 19  C CA . VAL A 1 19  ? 8.709   -17.124 8.210   1.00 41.89 ? 19  VAL A CA 1 
ATOM 20  C CA . THR A 1 20  ? 10.104  -20.663 8.192   1.00 41.89 ? 20  THR A CA 1 
ATOM 21  C CA . CYS A 1 21  ? 13.797  -21.200 7.477   1.00 41.89 ? 21  CYS A CA 1 
ATOM 22  C CA . SER A 1 22  ? 14.143  -24.692 6.021   1.00 41.89 ? 22  SER A CA 1 
ATOM 23  C CA . THR A 1 23  ? 16.898  -26.103 3.790   1.00 41.89 ? 23  THR A CA 1 
ATOM 24  C CA . SER A 1 24  ? 17.953  -29.216 1.861   1.00 41.89 ? 24  SER A CA 1 
ATOM 25  C CA . CYS A 1 25  ? 20.858  -30.513 3.947   1.00 41.89 ? 25  CYS A CA 1 
ATOM 26  C CA . ASP A 1 26  ? 21.516  -33.527 6.177   1.00 41.89 ? 26  ASP A CA 1 
ATOM 27  C CA . GLN A 1 27  ? 23.552  -32.084 9.041   1.00 41.89 ? 27  GLN A CA 1 
ATOM 28  C CA . PRO A 1 28  ? 24.531  -28.468 8.125   1.00 41.89 ? 28  PRO A CA 1 
ATOM 29  C CA . LYS A 1 29  ? 26.461  -25.893 10.163  1.00 41.89 ? 29  LYS A CA 1 
ATOM 30  C CA . LEU A 1 30  ? 24.647  -22.560 10.542  1.00 41.89 ? 30  LEU A CA 1 
ATOM 31  C CA . LEU A 1 31  ? 21.007  -21.810 9.708   1.00 41.89 ? 31  LEU A CA 1 
ATOM 32  C CA . GLY A 1 32  ? 19.241  -18.491 10.210  1.00 41.89 ? 32  GLY A CA 1 
ATOM 33  C CA . ILE A 1 33  ? 17.870  -15.309 8.659   1.00 41.89 ? 33  ILE A CA 1 
ATOM 34  C CA . GLU A 1 34  ? 20.096  -12.248 8.305   1.00 41.89 ? 34  GLU A CA 1 
ATOM 35  C CA . THR A 1 35  ? 17.813  -9.267  8.920   1.00 41.89 ? 35  THR A CA 1 
ATOM 36  C CA . PRO A 1 36  ? 17.591  -6.246  11.285  1.00 41.89 ? 36  PRO A CA 1 
ATOM 37  C CA . LEU A 1 37  ? 13.916  -7.064  11.916  1.00 41.89 ? 37  LEU A CA 1 
ATOM 38  C CA . PRO A 1 38  ? 12.823  -7.936  15.481  1.00 41.89 ? 38  PRO A CA 1 
ATOM 39  C CA . LYS A 1 39  ? 12.059  -11.663 15.530  1.00 41.89 ? 39  LYS A CA 1 
ATOM 40  C CA . LYS A 1 40  ? 11.426  -14.639 17.803  1.00 41.89 ? 40  LYS A CA 1 
ATOM 41  C CA . GLU A 1 41  ? 12.680  -18.187 17.243  1.00 41.89 ? 41  GLU A CA 1 
ATOM 42  C CA . LEU A 1 42  ? 10.688  -21.339 17.979  1.00 41.89 ? 42  LEU A CA 1 
ATOM 43  C CA . LEU A 1 43  ? 12.118  -24.693 19.082  1.00 41.89 ? 43  LEU A CA 1 
ATOM 44  C CA . LEU A 1 44  ? 12.628  -26.924 16.039  1.00 41.89 ? 44  LEU A CA 1 
ATOM 45  C CA . PRO A 1 45  ? 14.989  -29.741 14.924  1.00 41.89 ? 45  PRO A CA 1 
ATOM 46  C CA . GLY A 1 46  ? 17.544  -27.155 13.823  1.00 41.89 ? 46  GLY A CA 1 
ATOM 47  C CA . ASN A 1 47  ? 19.434  -29.791 11.824  1.00 41.89 ? 47  ASN A CA 1 
ATOM 48  C CA . ASN A 1 48  ? 17.171  -28.989 8.869   1.00 41.89 ? 48  ASN A CA 1 
ATOM 49  C CA . ARG A 1 49  ? 14.734  -26.241 9.898   1.00 41.89 ? 49  ARG A CA 1 
ATOM 50  C CA . LYS A 1 50  ? 13.856  -23.223 12.069  1.00 41.89 ? 50  LYS A CA 1 
ATOM 51  C CA . VAL A 1 51  ? 10.847  -20.887 12.346  1.00 41.89 ? 51  VAL A CA 1 
ATOM 52  C CA . TYR A 1 52  ? 10.983  -17.144 12.951  1.00 41.89 ? 52  TYR A CA 1 
ATOM 53  C CA . GLU A 1 53  ? 8.096   -14.872 13.908  1.00 41.89 ? 53  GLU A CA 1 
ATOM 54  C CA . LEU A 1 54  ? 8.496   -11.330 12.592  1.00 41.89 ? 54  LEU A CA 1 
ATOM 55  C CA . SER A 1 55  ? 7.544   -8.290  14.666  1.00 41.89 ? 55  SER A CA 1 
ATOM 56  C CA . ASN A 1 56  ? 6.259   -4.908  13.439  1.00 41.89 ? 56  ASN A CA 1 
ATOM 57  C CA . VAL A 1 57  ? 7.206   -4.671  9.767   1.00 41.89 ? 57  VAL A CA 1 
ATOM 58  C CA . GLN A 1 58  ? 7.056   -0.986  8.824   1.00 41.89 ? 58  GLN A CA 1 
ATOM 59  C CA . GLU A 1 59  ? 8.585   -0.683  5.335   1.00 41.89 ? 59  GLU A CA 1 
ATOM 60  C CA . ASP A 1 60  ? 8.871   -3.103  2.390   1.00 41.89 ? 60  ASP A CA 1 
ATOM 61  C CA . SER A 1 61  ? 11.348  -5.545  3.898   1.00 41.89 ? 61  SER A CA 1 
ATOM 62  C CA . GLN A 1 62  ? 13.194  -8.480  2.355   1.00 41.89 ? 62  GLN A CA 1 
ATOM 63  C CA . PRO A 1 63  ? 14.551  -11.025 4.878   1.00 41.89 ? 63  PRO A CA 1 
ATOM 64  C CA . MET A 1 64  ? 17.293  -13.346 3.644   1.00 41.89 ? 64  MET A CA 1 
ATOM 65  C CA . CYS A 1 65  ? 17.730  -16.881 4.969   1.00 41.89 ? 65  CYS A CA 1 
ATOM 66  C CA . TYR A 1 66  ? 21.175  -18.441 4.557   1.00 41.89 ? 66  TYR A CA 1 
ATOM 67  C CA . SER A 1 67  ? 22.016  -22.123 4.208   1.00 41.89 ? 67  SER A CA 1 
ATOM 68  C CA . ASN A 1 68  ? 25.576  -22.178 5.530   1.00 41.89 ? 68  ASN A CA 1 
ATOM 69  C CA . CYS A 1 69  ? 26.877  -25.364 3.924   1.00 41.89 ? 69  CYS A CA 1 
ATOM 70  C CA . PRO A 1 70  ? 30.308  -25.922 2.294   1.00 41.89 ? 70  PRO A CA 1 
ATOM 71  C CA . ASP A 1 71  ? 28.722  -27.681 -0.683  1.00 41.89 ? 71  ASP A CA 1 
ATOM 72  C CA . GLY A 1 72  ? 26.369  -24.760 -1.252  1.00 41.89 ? 72  GLY A CA 1 
ATOM 73  C CA . GLN A 1 73  ? 25.816  -21.691 0.928   1.00 41.89 ? 73  GLN A CA 1 
ATOM 74  C CA . SER A 1 74  ? 22.610  -20.993 -1.003  1.00 41.89 ? 74  SER A CA 1 
ATOM 75  C CA . THR A 1 75  ? 20.347  -18.346 0.489   1.00 41.89 ? 75  THR A CA 1 
ATOM 76  C CA . ALA A 1 76  ? 16.702  -17.394 -0.092  1.00 41.89 ? 76  ALA A CA 1 
ATOM 77  C CA . LYS A 1 77  ? 14.663  -14.222 0.361   1.00 41.89 ? 77  LYS A CA 1 
ATOM 78  C CA . THR A 1 78  ? 11.031  -13.624 1.272   1.00 41.89 ? 78  THR A CA 1 
ATOM 79  C CA . PHE A 1 79  ? 9.467   -10.421 -0.044  1.00 41.89 ? 79  PHE A CA 1 
ATOM 80  C CA . LEU A 1 80  ? 7.503   -8.640  2.684   1.00 41.89 ? 80  LEU A CA 1 
ATOM 81  C CA . THR A 1 81  ? 5.148   -6.223  0.942   1.00 41.89 ? 81  THR A CA 1 
ATOM 82  C CA . VAL A 1 82  ? 2.906   -4.074  3.158   1.00 41.89 ? 82  VAL A CA 1 
ATOM 83  C CA . TYR A 1 83  ? -0.351  -2.160  2.700   1.00 41.89 ? 83  TYR A CA 1 
ATOM 84  C CA . TRP A 1 84  ? -1.943  0.793   4.369   1.00 41.89 ? 84  TRP A CA 1 
ATOM 85  C CA . THR A 1 85  ? -4.478  3.479   3.432   1.00 41.89 ? 85  THR A CA 1 
ATOM 86  C CA . PRO A 1 86  ? -3.488  7.180   3.111   1.00 41.89 ? 86  PRO A CA 1 
ATOM 87  C CA . GLU A 1 87  ? -3.520  8.928   6.487   1.00 41.89 ? 87  GLU A CA 1 
ATOM 88  C CA . ARG A 1 88  ? -5.037  12.049  4.926   1.00 41.89 ? 88  ARG A CA 1 
ATOM 89  C CA . VAL A 1 89  ? -7.046  13.155  1.871   1.00 41.89 ? 89  VAL A CA 1 
ATOM 90  C CA . GLU A 1 90  ? -7.682  16.877  1.310   1.00 41.89 ? 90  GLU A CA 1 
ATOM 91  C CA . LEU A 1 91  ? -8.939  19.195  -1.458  1.00 41.89 ? 91  LEU A CA 1 
ATOM 92  C CA . ALA A 1 92  ? -8.580  22.763  -2.738  1.00 41.89 ? 92  ALA A CA 1 
ATOM 93  C CA . PRO A 1 93  ? -10.125 25.311  -0.305  1.00 41.89 ? 93  PRO A CA 1 
ATOM 94  C CA . LEU A 1 94  ? -12.317 26.906  -2.978  1.00 41.89 ? 94  LEU A CA 1 
ATOM 95  C CA . PRO A 1 95  ? -15.064 29.270  -1.745  1.00 41.89 ? 95  PRO A CA 1 
ATOM 96  C CA . SER A 1 96  ? -18.718 28.249  -2.094  1.00 41.89 ? 96  SER A CA 1 
ATOM 97  C CA . TRP A 1 97  ? -19.411 31.236  -4.366  1.00 41.89 ? 97  TRP A CA 1 
ATOM 98  C CA . GLN A 1 98  ? -19.082 29.975  -7.942  1.00 41.89 ? 98  GLN A CA 1 
ATOM 99  C CA . PRO A 1 99  ? -19.847 32.183  -10.988 1.00 41.89 ? 99  PRO A CA 1 
ATOM 100 C CA . VAL A 1 100 ? -21.573 30.313  -13.826 1.00 41.89 ? 100 VAL A CA 1 
ATOM 101 C CA . GLY A 1 101 ? -19.152 29.475  -16.622 1.00 41.89 ? 101 GLY A CA 1 
ATOM 102 C CA . LYS A 1 102 ? -15.978 30.224  -14.663 1.00 41.89 ? 102 LYS A CA 1 
ATOM 103 C CA . ASN A 1 103 ? -13.481 27.518  -15.662 1.00 41.89 ? 103 ASN A CA 1 
ATOM 104 C CA . LEU A 1 104 ? -12.814 26.249  -12.129 1.00 41.89 ? 104 LEU A CA 1 
ATOM 105 C CA . THR A 1 105 ? -9.975  23.924  -11.147 1.00 41.89 ? 105 THR A CA 1 
ATOM 106 C CA . LEU A 1 106 ? -10.583 21.023  -8.761  1.00 41.89 ? 106 LEU A CA 1 
ATOM 107 C CA . ARG A 1 107 ? -7.539  19.781  -6.851  1.00 41.89 ? 107 ARG A CA 1 
ATOM 108 C CA . CYS A 1 108 ? -7.182  16.738  -4.596  1.00 41.89 ? 108 CYS A CA 1 
ATOM 109 C CA . GLN A 1 109 ? -4.165  16.216  -2.337  1.00 41.89 ? 109 GLN A CA 1 
ATOM 110 C CA . VAL A 1 110 ? -3.481  12.682  -1.073  1.00 41.89 ? 110 VAL A CA 1 
ATOM 111 C CA . GLU A 1 111 ? -0.743  11.806  1.419   1.00 41.89 ? 111 GLU A CA 1 
ATOM 112 C CA . GLY A 1 112 ? 0.574   8.410   2.489   1.00 41.89 ? 112 GLY A CA 1 
ATOM 113 C CA . GLY A 1 113 ? -0.473  4.926   1.450   1.00 41.89 ? 113 GLY A CA 1 
ATOM 114 C CA . ALA A 1 114 ? 1.190   1.889   -0.124  1.00 41.89 ? 114 ALA A CA 1 
ATOM 115 C CA . PRO A 1 115 ? 1.930   -0.073  -2.200  1.00 41.89 ? 115 PRO A CA 1 
ATOM 116 C CA . ARG A 1 116 ? 1.867   3.237   -4.096  1.00 41.89 ? 116 ARG A CA 1 
ATOM 117 C CA . ALA A 1 117 ? 1.847   1.299   -7.366  1.00 41.89 ? 117 ALA A CA 1 
ATOM 118 C CA . ASN A 1 118 ? -1.787  0.312   -6.744  1.00 41.89 ? 118 ASN A CA 1 
ATOM 119 C CA . LEU A 1 119 ? -3.160  3.427   -5.057  1.00 41.89 ? 119 LEU A CA 1 
ATOM 120 C CA . THR A 1 120 ? -5.475  5.327   -7.408  1.00 41.89 ? 120 THR A CA 1 
ATOM 121 C CA . VAL A 1 121 ? -7.006  8.810   -7.129  1.00 41.89 ? 121 VAL A CA 1 
ATOM 122 C CA . VAL A 1 122 ? -10.256 9.715   -8.905  1.00 41.89 ? 122 VAL A CA 1 
ATOM 123 C CA . LEU A 1 123 ? -12.385 12.859  -9.000  1.00 41.89 ? 123 LEU A CA 1 
ATOM 124 C CA . LEU A 1 124 ? -16.126 12.217  -8.874  1.00 41.89 ? 124 LEU A CA 1 
ATOM 125 C CA . ARG A 1 125 ? -18.711 14.455  -10.515 1.00 41.89 ? 125 ARG A CA 1 
ATOM 126 C CA . GLY A 1 126 ? -21.322 13.572  -7.912  1.00 41.89 ? 126 GLY A CA 1 
ATOM 127 C CA . GLU A 1 127 ? -21.621 9.934   -8.969  1.00 41.89 ? 127 GLU A CA 1 
ATOM 128 C CA . LYS A 1 128 ? -19.606 9.251   -12.126 1.00 41.89 ? 128 LYS A CA 1 
ATOM 129 C CA . GLU A 1 129 ? -15.831 9.695   -12.313 1.00 41.89 ? 129 GLU A CA 1 
ATOM 130 C CA . LEU A 1 130 ? -14.331 12.647  -14.176 1.00 41.89 ? 130 LEU A CA 1 
ATOM 131 C CA . LYS A 1 131 ? -10.854 11.121  -14.437 1.00 41.89 ? 131 LYS A CA 1 
ATOM 132 C CA . ARG A 1 132 ? -8.384  9.077   -12.386 1.00 41.89 ? 132 ARG A CA 1 
ATOM 133 C CA . GLU A 1 133 ? -4.619  8.633   -12.144 1.00 41.89 ? 133 GLU A CA 1 
ATOM 134 C CA . PRO A 1 134 ? -2.411  6.400   -9.966  1.00 41.89 ? 134 PRO A CA 1 
ATOM 135 C CA . ALA A 1 135 ? -0.633  7.754   -6.890  1.00 41.89 ? 135 ALA A CA 1 
ATOM 136 C CA . VAL A 1 136 ? 2.221   9.372   -8.802  1.00 41.89 ? 136 VAL A CA 1 
ATOM 137 C CA . GLY A 1 137 ? 4.674   10.961  -6.399  1.00 41.89 ? 137 GLY A CA 1 
ATOM 138 C CA . GLU A 1 138 ? 4.315   11.764  -2.713  1.00 41.89 ? 138 GLU A CA 1 
ATOM 139 C CA . PRO A 1 139 ? 2.287   13.673  -1.948  1.00 41.89 ? 139 PRO A CA 1 
ATOM 140 C CA . ALA A 1 140 ? 0.198   12.770  -5.000  1.00 41.89 ? 140 ALA A CA 1 
ATOM 141 C CA . GLU A 1 141 ? -2.424  15.067  -6.510  1.00 41.89 ? 141 GLU A CA 1 
ATOM 142 C CA . VAL A 1 142 ? -4.774  15.116  -9.495  1.00 41.89 ? 142 VAL A CA 1 
ATOM 143 C CA . THR A 1 143 ? -6.691  18.087  -10.891 1.00 41.89 ? 143 THR A CA 1 
ATOM 144 C CA . THR A 1 144 ? -9.631  18.689  -13.236 1.00 41.89 ? 144 THR A CA 1 
ATOM 145 C CA . THR A 1 145 ? -11.213 21.805  -14.733 1.00 41.89 ? 145 THR A CA 1 
ATOM 146 C CA . VAL A 1 146 ? -15.012 21.876  -14.984 1.00 41.89 ? 146 VAL A CA 1 
ATOM 147 C CA . LEU A 1 147 ? -17.493 24.395  -16.378 1.00 41.89 ? 147 LEU A CA 1 
ATOM 148 C CA . VAL A 1 148 ? -19.561 25.786  -13.504 1.00 41.89 ? 148 VAL A CA 1 
ATOM 149 C CA . ARG A 1 149 ? -22.965 25.404  -15.158 1.00 41.89 ? 149 ARG A CA 1 
ATOM 150 C CA . ARG A 1 150 ? -26.268 26.006  -13.337 1.00 41.89 ? 150 ARG A CA 1 
ATOM 151 C CA . ASP A 1 151 ? -27.063 22.300  -13.776 1.00 41.89 ? 151 ASP A CA 1 
ATOM 152 C CA . HIS A 1 152 ? -25.209 21.610  -10.529 1.00 41.89 ? 152 HIS A CA 1 
ATOM 153 C CA . HIS A 1 153 ? -27.397 23.646  -8.166  1.00 41.89 ? 153 HIS A CA 1 
ATOM 154 C CA . GLY A 1 154 ? -25.780 22.913  -4.809  1.00 41.89 ? 154 GLY A CA 1 
ATOM 155 C CA . ALA A 1 155 ? -24.088 19.744  -6.068  1.00 41.89 ? 155 ALA A CA 1 
ATOM 156 C CA . ASN A 1 156 ? -21.368 18.284  -3.842  1.00 41.89 ? 156 ASN A CA 1 
ATOM 157 C CA . PHE A 1 157 ? -18.255 16.896  -5.545  1.00 41.89 ? 157 PHE A CA 1 
ATOM 158 C CA . SER A 1 158 ? -15.639 14.787  -3.753  1.00 41.89 ? 158 SER A CA 1 
ATOM 159 C CA . CYS A 1 159 ? -12.328 12.939  -4.091  1.00 41.89 ? 159 CYS A CA 1 
ATOM 160 C CA . ARG A 1 160 ? -11.950 9.241   -3.263  1.00 41.89 ? 160 ARG A CA 1 
ATOM 161 C CA . THR A 1 161 ? -8.911  7.002   -2.803  1.00 41.89 ? 161 THR A CA 1 
ATOM 162 C CA . GLU A 1 162 ? -8.889  3.452   -4.192  1.00 41.89 ? 162 GLU A CA 1 
ATOM 163 C CA . LEU A 1 163 ? -6.323  0.897   -3.022  1.00 41.89 ? 163 LEU A CA 1 
ATOM 164 C CA . ASP A 1 164 ? -7.548  -2.015  -5.130  1.00 41.89 ? 164 ASP A CA 1 
ATOM 165 C CA . LEU A 1 165 ? -5.814  -5.066  -3.664  1.00 41.89 ? 165 LEU A CA 1 
ATOM 166 C CA . ARG A 1 166 ? -8.753  -7.086  -5.026  1.00 41.89 ? 166 ARG A CA 1 
ATOM 167 C CA . PRO A 1 167 ? -6.691  -9.002  -7.612  1.00 41.89 ? 167 PRO A CA 1 
ATOM 168 C CA . GLN A 1 168 ? -4.051  -9.630  -4.930  1.00 41.89 ? 168 GLN A CA 1 
ATOM 169 C CA . GLY A 1 169 ? -6.561  -11.662 -2.918  1.00 41.89 ? 169 GLY A CA 1 
ATOM 170 C CA . LEU A 1 170 ? -6.954  -8.812  -0.429  1.00 41.89 ? 170 LEU A CA 1 
ATOM 171 C CA . GLU A 1 171 ? -9.878  -6.392  -0.221  1.00 41.89 ? 171 GLU A CA 1 
ATOM 172 C CA . LEU A 1 172 ? -10.801 -3.195  -2.076  1.00 41.89 ? 172 LEU A CA 1 
ATOM 173 C CA . PHE A 1 173 ? -10.083 -0.344  0.343   1.00 41.89 ? 173 PHE A CA 1 
ATOM 174 C CA . GLU A 1 174 ? -11.661 3.036   -0.381  1.00 41.89 ? 174 GLU A CA 1 
ATOM 175 C CA . ASN A 1 175 ? -11.586 6.427   1.348   1.00 41.89 ? 175 ASN A CA 1 
ATOM 176 C CA . THR A 1 176 ? -13.440 9.708   0.781   1.00 41.89 ? 176 THR A CA 1 
ATOM 177 C CA . SER A 1 177 ? -13.003 13.391  1.643   1.00 41.89 ? 177 SER A CA 1 
ATOM 178 C CA . ALA A 1 178 ? -15.624 15.942  2.739   1.00 41.89 ? 178 ALA A CA 1 
ATOM 179 C CA . PRO A 1 179 ? -18.436 16.860  0.276   1.00 41.89 ? 179 PRO A CA 1 
ATOM 180 C CA . TYR A 1 180 ? -17.868 20.130  -1.585  1.00 41.89 ? 180 TYR A CA 1 
ATOM 181 C CA . GLN A 1 181 ? -21.165 21.953  -2.198  1.00 41.89 ? 181 GLN A CA 1 
ATOM 182 C CA . LEU A 1 182 ? -21.087 24.918  -4.596  1.00 41.89 ? 182 LEU A CA 1 
ATOM 183 C CA . GLN A 1 183 ? -23.306 27.997  -4.919  1.00 41.89 ? 183 GLN A CA 1 
ATOM 184 C CA . THR A 1 184 ? -24.405 29.097  -8.390  1.00 41.89 ? 184 THR A CA 1 
ATOM 185 C CA . PHE A 1 185 ? -24.450 32.672  -9.713  1.00 41.89 ? 185 PHE A CA 1 
# 
loop_
_pdbx_poly_seq_scheme.asym_id 
_pdbx_poly_seq_scheme.entity_id 
_pdbx_poly_seq_scheme.seq_id 
_pdbx_poly_seq_scheme.mon_id 
_pdbx_poly_seq_scheme.ndb_seq_num 
_pdbx_poly_seq_scheme.pdb_seq_num 
_pdbx_poly_seq_scheme.auth_seq_num 
_pdbx_poly_seq_scheme.pdb_mon_id 
_pdbx_poly_seq_scheme.auth_mon_id 
_pdbx_poly_seq_scheme.pdb_strand_id 
_pdbx_poly_seq_scheme.pdb_ins_code 
_pdbx_poly_seq_scheme.hetero 
A 1 1   GLN 1   1   1   GLN GLN A . n 
A 1 2   THR 2   2   2   THR THR A . n 
A 1 3   SER 3   3   3   SER SER A . n 
A 1 4   VAL 4   4   4   VAL VAL A . n 
A 1 5   SER 5   5   5   SER SER A . n 
A 1 6   PRO 6   6   6   PRO PRO A . n 
A 1 7   SER 7   7   7   SER SER A . n 
A 1 8   LYS 8   8   8   LYS LYS A . n 
A 1 9   VAL 9   9   9   VAL VAL A . n 
A 1 10  ILE 10  10  10  ILE ILE A . n 
A 1 11  LEU 11  11  11  LEU LEU A . n 
A 1 12  PRO 12  12  12  PRO PRO A . n 
A 1 13  ARG 13  13  13  ARG ARG A . n 
A 1 14  GLY 14  14  14  GLY GLY A . n 
A 1 15  GLY 15  15  15  GLY GLY A . n 
A 1 16  SER 16  16  16  SER SER A . n 
A 1 17  VAL 17  17  17  VAL VAL A . n 
A 1 18  LEU 18  18  18  LEU LEU A . n 
A 1 19  VAL 19  19  19  VAL VAL A . n 
A 1 20  THR 20  20  20  THR THR A . n 
A 1 21  CYS 21  21  21  CYS CYS A . n 
A 1 22  SER 22  22  22  SER SER A . n 
A 1 23  THR 23  23  23  THR THR A . n 
A 1 24  SER 24  24  24  SER SER A . n 
A 1 25  CYS 25  25  25  CYS CYS A . n 
A 1 26  ASP 26  26  26  ASP ASP A . n 
A 1 27  GLN 27  27  27  GLN GLN A . n 
A 1 28  PRO 28  28  28  PRO PRO A . n 
A 1 29  LYS 29  29  29  LYS LYS A . n 
A 1 30  LEU 30  30  30  LEU LEU A . n 
A 1 31  LEU 31  31  31  LEU LEU A . n 
A 1 32  GLY 32  32  32  GLY GLY A . n 
A 1 33  ILE 33  33  33  ILE ILE A . n 
A 1 34  GLU 34  34  34  GLU GLU A . n 
A 1 35  THR 35  35  35  THR THR A . n 
A 1 36  PRO 36  36  36  PRO PRO A . n 
A 1 37  LEU 37  37  37  LEU LEU A . n 
A 1 38  PRO 38  38  38  PRO PRO A . n 
A 1 39  LYS 39  39  39  LYS LYS A . n 
A 1 40  LYS 40  40  40  LYS LYS A . n 
A 1 41  GLU 41  41  41  GLU GLU A . n 
A 1 42  LEU 42  42  42  LEU LEU A . n 
A 1 43  LEU 43  43  43  LEU LEU A . n 
A 1 44  LEU 44  44  44  LEU LEU A . n 
A 1 45  PRO 45  45  45  PRO PRO A . n 
A 1 46  GLY 46  46  46  GLY GLY A . n 
A 1 47  ASN 47  47  47  ASN ASN A . n 
A 1 48  ASN 48  48  48  ASN ASN A . n 
A 1 49  ARG 49  49  49  ARG ARG A . n 
A 1 50  LYS 50  50  50  LYS LYS A . n 
A 1 51  VAL 51  51  51  VAL VAL A . n 
A 1 52  TYR 52  52  52  TYR TYR A . n 
A 1 53  GLU 53  53  53  GLU GLU A . n 
A 1 54  LEU 54  54  54  LEU LEU A . n 
A 1 55  SER 55  55  55  SER SER A . n 
A 1 56  ASN 56  56  56  ASN ASN A . n 
A 1 57  VAL 57  57  57  VAL VAL A . n 
A 1 58  GLN 58  58  58  GLN GLN A . n 
A 1 59  GLU 59  59  59  GLU GLU A . n 
A 1 60  ASP 60  60  60  ASP ASP A . n 
A 1 61  SER 61  61  61  SER SER A . n 
A 1 62  GLN 62  62  62  GLN GLN A . n 
A 1 63  PRO 63  63  63  PRO PRO A . n 
A 1 64  MET 64  64  64  MET MET A . n 
A 1 65  CYS 65  65  65  CYS CYS A . n 
A 1 66  TYR 66  66  66  TYR TYR A . n 
A 1 67  SER 67  67  67  SER SER A . n 
A 1 68  ASN 68  68  68  ASN ASN A . n 
A 1 69  CYS 69  69  69  CYS CYS A . n 
A 1 70  PRO 70  70  70  PRO PRO A . n 
A 1 71  ASP 71  71  71  ASP ASP A . n 
A 1 72  GLY 72  72  72  GLY GLY A . n 
A 1 73  GLN 73  73  73  GLN GLN A . n 
A 1 74  SER 74  74  74  SER SER A . n 
A 1 75  THR 75  75  75  THR THR A . n 
A 1 76  ALA 76  76  76  ALA ALA A . n 
A 1 77  LYS 77  77  77  LYS LYS A . n 
A 1 78  THR 78  78  78  THR THR A . n 
A 1 79  PHE 79  79  79  PHE PHE A . n 
A 1 80  LEU 80  80  80  LEU LEU A . n 
A 1 81  THR 81  81  81  THR THR A . n 
A 1 82  VAL 82  82  82  VAL VAL A . n 
A 1 83  TYR 83  83  83  TYR TYR A . n 
A 1 84  TRP 84  84  84  TRP TRP A . n 
A 1 85  THR 85  85  85  THR THR A . n 
A 1 86  PRO 86  86  86  PRO PRO A . n 
A 1 87  GLU 87  87  87  GLU GLU A . n 
A 1 88  ARG 88  88  88  ARG ARG A . n 
A 1 89  VAL 89  89  89  VAL VAL A . n 
A 1 90  GLU 90  90  90  GLU GLU A . n 
A 1 91  LEU 91  91  91  LEU LEU A . n 
A 1 92  ALA 92  92  92  ALA ALA A . n 
A 1 93  PRO 93  93  93  PRO PRO A . n 
A 1 94  LEU 94  94  94  LEU LEU A . n 
A 1 95  PRO 95  95  95  PRO PRO A . n 
A 1 96  SER 96  96  96  SER SER A . n 
A 1 97  TRP 97  97  97  TRP TRP A . n 
A 1 98  GLN 98  98  98  GLN GLN A . n 
A 1 99  PRO 99  99  99  PRO PRO A . n 
A 1 100 VAL 100 100 100 VAL VAL A . n 
A 1 101 GLY 101 101 101 GLY GLY A . n 
A 1 102 LYS 102 102 102 LYS LYS A . n 
A 1 103 ASN 103 103 103 ASN ASN A . n 
A 1 104 LEU 104 104 104 LEU LEU A . n 
A 1 105 THR 105 105 105 THR THR A . n 
A 1 106 LEU 106 106 106 LEU LEU A . n 
A 1 107 ARG 107 107 107 ARG ARG A . n 
A 1 108 CYS 108 108 108 CYS CYS A . n 
A 1 109 GLN 109 109 109 GLN GLN A . n 
A 1 110 VAL 110 110 110 VAL VAL A . n 
A 1 111 GLU 111 111 111 GLU GLU A . n 
A 1 112 GLY 112 112 112 GLY GLY A . n 
A 1 113 GLY 113 113 113 GLY GLY A . n 
A 1 114 ALA 114 114 114 ALA ALA A . n 
A 1 115 PRO 115 115 115 PRO PRO A . n 
A 1 116 ARG 116 116 116 ARG ARG A . n 
A 1 117 ALA 117 117 117 ALA ALA A . n 
A 1 118 ASN 118 118 118 ASN ASN A . n 
A 1 119 LEU 119 119 119 LEU LEU A . n 
A 1 120 THR 120 120 120 THR THR A . n 
A 1 121 VAL 121 121 121 VAL VAL A . n 
A 1 122 VAL 122 122 122 VAL VAL A . n 
A 1 123 LEU 123 123 123 LEU LEU A . n 
A 1 124 LEU 124 124 124 LEU LEU A . n 
A 1 125 ARG 125 125 125 ARG ARG A . n 
A 1 126 GLY 126 126 126 GLY GLY A . n 
A 1 127 GLU 127 127 127 GLU GLU A . n 
A 1 128 LYS 128 128 128 LYS LYS A . n 
A 1 129 GLU 129 129 129 GLU GLU A . n 
A 1 130 LEU 130 130 130 LEU LEU A . n 
A 1 131 LYS 131 131 131 LYS LYS A . n 
A 1 132 ARG 132 132 132 ARG ARG A . n 
A 1 133 GLU 133 133 133 GLU GLU A . n 
A 1 134 PRO 134 134 134 PRO PRO A . n 
A 1 135 ALA 135 135 135 ALA ALA A . n 
A 1 136 VAL 136 136 136 VAL VAL A . n 
A 1 137 GLY 137 137 137 GLY GLY A . n 
A 1 138 GLU 138 138 138 GLU GLU A . n 
A 1 139 PRO 139 139 139 PRO PRO A . n 
A 1 140 ALA 140 140 140 ALA ALA A . n 
A 1 141 GLU 141 141 141 GLU GLU A . n 
A 1 142 VAL 142 142 142 VAL VAL A . n 
A 1 143 THR 143 143 143 THR THR A . n 
A 1 144 THR 144 144 144 THR THR A . n 
A 1 145 THR 145 145 145 THR THR A . n 
A 1 146 VAL 146 146 146 VAL VAL A . n 
A 1 147 LEU 147 147 147 LEU LEU A . n 
A 1 148 VAL 148 148 148 VAL VAL A . n 
A 1 149 ARG 149 149 149 ARG ARG A . n 
A 1 150 ARG 150 150 150 ARG ARG A . n 
A 1 151 ASP 151 151 151 ASP ASP A . n 
A 1 152 HIS 152 152 152 HIS HIS A . n 
A 1 153 HIS 153 153 153 HIS HIS A . n 
A 1 154 GLY 154 154 154 GLY GLY A . n 
A 1 155 ALA 155 155 155 ALA ALA A . n 
A 1 156 ASN 156 156 156 ASN ASN A . n 
A 1 157 PHE 157 157 157 PHE PHE A . n 
A 1 158 SER 158 158 158 SER SER A . n 
A 1 159 CYS 159 159 159 CYS CYS A . n 
A 1 160 ARG 160 160 160 ARG ARG A . n 
A 1 161 THR 161 161 161 THR THR A . n 
A 1 162 GLU 162 162 162 GLU GLU A . n 
A 1 163 LEU 163 163 163 LEU LEU A . n 
A 1 164 ASP 164 164 164 ASP ASP A . n 
A 1 165 LEU 165 165 165 LEU LEU A . n 
A 1 166 ARG 166 166 166 ARG ARG A . n 
A 1 167 PRO 167 167 167 PRO PRO A . n 
A 1 168 GLN 168 168 168 GLN GLN A . n 
A 1 169 GLY 169 169 169 GLY GLY A . n 
A 1 170 LEU 170 170 170 LEU LEU A . n 
A 1 171 GLU 171 171 171 GLU GLU A . n 
A 1 172 LEU 172 172 172 LEU LEU A . n 
A 1 173 PHE 173 173 173 PHE PHE A . n 
A 1 174 GLU 174 174 174 GLU GLU A . n 
A 1 175 ASN 175 175 175 ASN ASN A . n 
A 1 176 THR 176 176 176 THR THR A . n 
A 1 177 SER 177 177 177 SER SER A . n 
A 1 178 ALA 178 178 178 ALA ALA A . n 
A 1 179 PRO 179 179 179 PRO PRO A . n 
A 1 180 TYR 180 180 180 TYR TYR A . n 
A 1 181 GLN 181 181 181 GLN GLN A . n 
A 1 182 LEU 182 182 182 LEU LEU A . n 
A 1 183 GLN 183 183 183 GLN GLN A . n 
A 1 184 THR 184 184 184 THR THR A . n 
A 1 185 PHE 185 185 185 PHE PHE A . n 
# 
_pdbx_struct_assembly.id                   1 
_pdbx_struct_assembly.details              author_defined_assembly 
_pdbx_struct_assembly.method_details       ? 
_pdbx_struct_assembly.oligomeric_details   monomeric 
_pdbx_struct_assembly.oligomeric_count     1 
# 
_pdbx_struct_assembly_gen.assembly_id       1 
_pdbx_struct_assembly_gen.oper_expression   1 
_pdbx_struct_assembly_gen.asym_id_list      A 
# 
_pdbx_struct_oper_list.id                   1 
_pdbx_struct_oper_list.type                 'identity operation' 
_pdbx_struct_oper_list.name                 1_555 
_pdbx_struct_oper_list.symmetry_operation   x,y,z 
_pdbx_struct_oper_list.matrix[1][1]         1.0000000000 
_pdbx_struct_oper_list.matrix[1][2]         0.0000000000 
_pdbx_struct_oper_list.matrix[1][3]         0.0000000000 
_pdbx_struct_oper_list.vector[1]            0.0000000000 
_pdbx_struct_oper_list.matrix[2][1]         0.0000000000 
_pdbx_struct_oper_list.matrix[2][2]         1.0000000000 
_pdbx_struct_oper_list.matrix[2][3]         0.0000000000 
_pdbx_struct_oper_list.vector[2]            0.0000000000 
_pdbx_struct_oper_list.matrix[3][1]         0.0000000000 
_pdbx_struct_oper_list.matrix[3][2]         0.0000000000 
_pdbx_struct_oper_list.matrix[3][3]         1.0000000000 
_pdbx_struct_oper_list.vector[3]            0.0000000000 
# 
loop_
_pdbx_audit_revision_history.ordinal 
_pdbx_audit_revision_history.data_content_type 
_pdbx_audit_revision_history.major_revision 
_pdbx_audit_revision_history.minor_revision 
_pdbx_audit_revision_history.revision_date 
1 'Structure model' 1 0 1999-12-01 
2 'Structure model' 1 1 2008-04-27 
3 'Structure model' 1 2 2011-07-13 
4 'Structure model' 1 3 2023-08-09 
# 
_pdbx_audit_revision_details.ordinal             1 
_pdbx_audit_revision_details.revision_ordinal    1 
_pdbx_audit_revision_details.data_content_type   'Structure model' 
_pdbx_audit_revision_details.provider            repository 
_pdbx_audit_revision_details.type                'Initial release' 
_pdbx_audit_revision_details.description         ? 
_pdbx_audit_revision_details.details             ? 
# 
loop_
_pdbx_audit_revision_group.ordinal 
_pdbx_audit_revision_group.revision_ordinal 
_pdbx_audit_revision_group.data_content_type 
_pdbx_audit_revision_group.group 
1 2 'Structure model' 'Version format compliance' 
2 3 'Structure model' 'Version format compliance' 
3 4 'Structure model' 'Data collection'           
4 4 'Structure model' 'Database references'       
5 4 'Structure model' 'Refinement description'    
# 
loop_
_pdbx_audit_revision_category.ordinal 
_pdbx_audit_revision_category.revision_ordinal 
_pdbx_audit_revision_category.data_content_type 
_pdbx_audit_revision_category.category 
1 4 'Structure model' chem_comp_atom                
2 4 'Structure model' chem_comp_bond                
3 4 'Structure model' database_2                    
4 4 'Structure model' pdbx_initial_refinement_model 
# 
loop_
_pdbx_audit_revision_item.ordinal 
_pdbx_audit_revision_item.revision_ordinal 
_pdbx_audit_revision_item.data_content_type 
_pdbx_audit_revision_item.item 
1 4 'Structure model' '_database_2.pdbx_DOI'                
2 4 'Structure model' '_database_2.pdbx_database_accession' 
# 
_software.name             AMoRE 
_software.classification   phasing 
_software.version          . 
_software.citation_id      ? 
_software.pdbx_ordinal     1 
# 
loop_
_chem_comp_atom.comp_id 
_chem_comp_atom.atom_id 
_chem_comp_atom.type_symbol 
_chem_comp_atom.pdbx_aromatic_flag 
_chem_comp_atom.pdbx_stereo_config 
_chem_comp_atom.pdbx_ordinal 
ALA N    N N N 1   
ALA CA   C N S 2   
ALA C    C N N 3   
ALA O    O N N 4   
ALA CB   C N N 5   
ALA OXT  O N N 6   
ALA H    H N N 7   
ALA H2   H N N 8   
ALA HA   H N N 9   
ALA HB1  H N N 10  
ALA HB2  H N N 11  
ALA HB3  H N N 12  
ALA HXT  H N N 13  
ARG N    N N N 14  
ARG CA   C N S 15  
ARG C    C N N 16  
ARG O    O N N 17  
ARG CB   C N N 18  
ARG CG   C N N 19  
ARG CD   C N N 20  
ARG NE   N N N 21  
ARG CZ   C N N 22  
ARG NH1  N N N 23  
ARG NH2  N N N 24  
ARG OXT  O N N 25  
ARG H    H N N 26  
ARG H2   H N N 27  
ARG HA   H N N 28  
ARG HB2  H N N 29  
ARG HB3  H N N 30  
ARG HG2  H N N 31  
ARG HG3  H N N 32  
ARG HD2  H N N 33  
ARG HD3  H N N 34  
ARG HE   H N N 35  
ARG HH11 H N N 36  
ARG HH12 H N N 37  
ARG HH21 H N N 38  
ARG HH22 H N N 39  
ARG HXT  H N N 40  
ASN N    N N N 41  
ASN CA   C N S 42  
ASN C    C N N 43  
ASN O    O N N 44  
ASN CB   C N N 45  
ASN CG   C N N 46  
ASN OD1  O N N 47  
ASN ND2  N N N 48  
ASN OXT  O N N 49  
ASN H    H N N 50  
ASN H2   H N N 51  
ASN HA   H N N 52  
ASN HB2  H N N 53  
ASN HB3  H N N 54  
ASN HD21 H N N 55  
ASN HD22 H N N 56  
ASN HXT  H N N 57  
ASP N    N N N 58  
ASP CA   C N S 59  
ASP C    C N N 60  
ASP O    O N N 61  
ASP CB   C N N 62  
ASP CG   C N N 63  
ASP OD1  O N N 64  
ASP OD2  O N N 65  
ASP OXT  O N N 66  
ASP H    H N N 67  
ASP H2   H N N 68  
ASP HA   H N N 69  
ASP HB2  H N N 70  
ASP HB3  H N N 71  
ASP HD2  H N N 72  
ASP HXT  H N N 73  
CYS N    N N N 74  
CYS CA   C N R 75  
CYS C    C N N 76  
CYS O    O N N 77  
CYS CB   C N N 78  
CYS SG   S N N 79  
CYS OXT  O N N 80  
CYS H    H N N 81  
CYS H2   H N N 82  
CYS HA   H N N 83  
CYS HB2  H N N 84  
CYS HB3  H N N 85  
CYS HG   H N N 86  
CYS HXT  H N N 87  
GLN N    N N N 88  
GLN CA   C N S 89  
GLN C    C N N 90  
GLN O    O N N 91  
GLN CB   C N N 92  
GLN CG   C N N 93  
GLN CD   C N N 94  
GLN OE1  O N N 95  
GLN NE2  N N N 96  
GLN OXT  O N N 97  
GLN H    H N N 98  
GLN H2   H N N 99  
GLN HA   H N N 100 
GLN HB2  H N N 101 
GLN HB3  H N N 102 
GLN HG2  H N N 103 
GLN HG3  H N N 104 
GLN HE21 H N N 105 
GLN HE22 H N N 106 
GLN HXT  H N N 107 
GLU N    N N N 108 
GLU CA   C N S 109 
GLU C    C N N 110 
GLU O    O N N 111 
GLU CB   C N N 112 
GLU CG   C N N 113 
GLU CD   C N N 114 
GLU OE1  O N N 115 
GLU OE2  O N N 116 
GLU OXT  O N N 117 
GLU H    H N N 118 
GLU H2   H N N 119 
GLU HA   H N N 120 
GLU HB2  H N N 121 
GLU HB3  H N N 122 
GLU HG2  H N N 123 
GLU HG3  H N N 124 
GLU HE2  H N N 125 
GLU HXT  H N N 126 
GLY N    N N N 127 
GLY CA   C N N 128 
GLY C    C N N 129 
GLY O    O N N 130 
GLY OXT  O N N 131 
GLY H    H N N 132 
GLY H2   H N N 133 
GLY HA2  H N N 134 
GLY HA3  H N N 135 
GLY HXT  H N N 136 
HIS N    N N N 137 
HIS CA   C N S 138 
HIS C    C N N 139 
HIS O    O N N 140 
HIS CB   C N N 141 
HIS CG   C Y N 142 
HIS ND1  N Y N 143 
HIS CD2  C Y N 144 
HIS CE1  C Y N 145 
HIS NE2  N Y N 146 
HIS OXT  O N N 147 
HIS H    H N N 148 
HIS H2   H N N 149 
HIS HA   H N N 150 
HIS HB2  H N N 151 
HIS HB3  H N N 152 
HIS HD1  H N N 153 
HIS HD2  H N N 154 
HIS HE1  H N N 155 
HIS HE2  H N N 156 
HIS HXT  H N N 157 
ILE N    N N N 158 
ILE CA   C N S 159 
ILE C    C N N 160 
ILE O    O N N 161 
ILE CB   C N S 162 
ILE CG1  C N N 163 
ILE CG2  C N N 164 
ILE CD1  C N N 165 
ILE OXT  O N N 166 
ILE H    H N N 167 
ILE H2   H N N 168 
ILE HA   H N N 169 
ILE HB   H N N 170 
ILE HG12 H N N 171 
ILE HG13 H N N 172 
ILE HG21 H N N 173 
ILE HG22 H N N 174 
ILE HG23 H N N 175 
ILE HD11 H N N 176 
ILE HD12 H N N 177 
ILE HD13 H N N 178 
ILE HXT  H N N 179 
LEU N    N N N 180 
LEU CA   C N S 181 
LEU C    C N N 182 
LEU O    O N N 183 
LEU CB   C N N 184 
LEU CG   C N N 185 
LEU CD1  C N N 186 
LEU CD2  C N N 187 
LEU OXT  O N N 188 
LEU H    H N N 189 
LEU H2   H N N 190 
LEU HA   H N N 191 
LEU HB2  H N N 192 
LEU HB3  H N N 193 
LEU HG   H N N 194 
LEU HD11 H N N 195 
LEU HD12 H N N 196 
LEU HD13 H N N 197 
LEU HD21 H N N 198 
LEU HD22 H N N 199 
LEU HD23 H N N 200 
LEU HXT  H N N 201 
LYS N    N N N 202 
LYS CA   C N S 203 
LYS C    C N N 204 
LYS O    O N N 205 
LYS CB   C N N 206 
LYS CG   C N N 207 
LYS CD   C N N 208 
LYS CE   C N N 209 
LYS NZ   N N N 210 
LYS OXT  O N N 211 
LYS H    H N N 212 
LYS H2   H N N 213 
LYS HA   H N N 214 
LYS HB2  H N N 215 
LYS HB3  H N N 216 
LYS HG2  H N N 217 
LYS HG3  H N N 218 
LYS HD2  H N N 219 
LYS HD3  H N N 220 
LYS HE2  H N N 221 
LYS HE3  H N N 222 
LYS HZ1  H N N 223 
LYS HZ2  H N N 224 
LYS HZ3  H N N 225 
LYS HXT  H N N 226 
MET N    N N N 227 
MET CA   C N S 228 
MET C    C N N 229 
MET O    O N N 230 
MET CB   C N N 231 
MET CG   C N N 232 
MET SD   S N N 233 
MET CE   C N N 234 
MET OXT  O N N 235 
MET H    H N N 236 
MET H2   H N N 237 
MET HA   H N N 238 
MET HB2  H N N 239 
MET HB3  H N N 240 
MET HG2  H N N 241 
MET HG3  H N N 242 
MET HE1  H N N 243 
MET HE2  H N N 244 
MET HE3  H N N 245 
MET HXT  H N N 246 
PHE N    N N N 247 
PHE CA   C N S 248 
PHE C    C N N 249 
PHE O    O N N 250 
PHE CB   C N N 251 
PHE CG   C Y N 252 
PHE CD1  C Y N 253 
PHE CD2  C Y N 254 
PHE CE1  C Y N 255 
PHE CE2  C Y N 256 
PHE CZ   C Y N 257 
PHE OXT  O N N 258 
PHE H    H N N 259 
PHE H2   H N N 260 
PHE HA   H N N 261 
PHE HB2  H N N 262 
PHE HB3  H N N 263 
PHE HD1  H N N 264 
PHE HD2  H N N 265 
PHE HE1  H N N 266 
PHE HE2  H N N 267 
PHE HZ   H N N 268 
PHE HXT  H N N 269 
PRO N    N N N 270 
PRO CA   C N S 271 
PRO C    C N N 272 
PRO O    O N N 273 
PRO CB   C N N 274 
PRO CG   C N N 275 
PRO CD   C N N 276 
PRO OXT  O N N 277 
PRO H    H N N 278 
PRO HA   H N N 279 
PRO HB2  H N N 280 
PRO HB3  H N N 281 
PRO HG2  H N N 282 
PRO HG3  H N N 283 
PRO HD2  H N N 284 
PRO HD3  H N N 285 
PRO HXT  H N N 286 
SER N    N N N 287 
SER CA   C N S 288 
SER C    C N N 289 
SER O    O N N 290 
SER CB   C N N 291 
SER OG   O N N 292 
SER OXT  O N N 293 
SER H    H N N 294 
SER H2   H N N 295 
SER HA   H N N 296 
SER HB2  H N N 297 
SER HB3  H N N 298 
SER HG   H N N 299 
SER HXT  H N N 300 
THR N    N N N 301 
THR CA   C N S 302 
THR C    C N N 303 
THR O    O N N 304 
THR CB   C N R 305 
THR OG1  O N N 306 
THR CG2  C N N 307 
THR OXT  O N N 308 
THR H    H N N 309 
THR H2   H N N 310 
THR HA   H N N 311 
THR HB   H N N 312 
THR HG1  H N N 313 
THR HG21 H N N 314 
THR HG22 H N N 315 
THR HG23 H N N 316 
THR HXT  H N N 317 
TRP N    N N N 318 
TRP CA   C N S 319 
TRP C    C N N 320 
TRP O    O N N 321 
TRP CB   C N N 322 
TRP CG   C Y N 323 
TRP CD1  C Y N 324 
TRP CD2  C Y N 325 
TRP NE1  N Y N 326 
TRP CE2  C Y N 327 
TRP CE3  C Y N 328 
TRP CZ2  C Y N 329 
TRP CZ3  C Y N 330 
TRP CH2  C Y N 331 
TRP OXT  O N N 332 
TRP H    H N N 333 
TRP H2   H N N 334 
TRP HA   H N N 335 
TRP HB2  H N N 336 
TRP HB3  H N N 337 
TRP HD1  H N N 338 
TRP HE1  H N N 339 
TRP HE3  H N N 340 
TRP HZ2  H N N 341 
TRP HZ3  H N N 342 
TRP HH2  H N N 343 
TRP HXT  H N N 344 
TYR N    N N N 345 
TYR CA   C N S 346 
TYR C    C N N 347 
TYR O    O N N 348 
TYR CB   C N N 349 
TYR CG   C Y N 350 
TYR CD1  C Y N 351 
TYR CD2  C Y N 352 
TYR CE1  C Y N 353 
TYR CE2  C Y N 354 
TYR CZ   C Y N 355 
TYR OH   O N N 356 
TYR OXT  O N N 357 
TYR H    H N N 358 
TYR H2   H N N 359 
TYR HA   H N N 360 
TYR HB2  H N N 361 
TYR HB3  H N N 362 
TYR HD1  H N N 363 
TYR HD2  H N N 364 
TYR HE1  H N N 365 
TYR HE2  H N N 366 
TYR HH   H N N 367 
TYR HXT  H N N 368 
VAL N    N N N 369 
VAL CA   C N S 370 
VAL C    C N N 371 
VAL O    O N N 372 
VAL CB   C N N 373 
VAL CG1  C N N 374 
VAL CG2  C N N 375 
VAL OXT  O N N 376 
VAL H    H N N 377 
VAL H2   H N N 378 
VAL HA   H N N 379 
VAL HB   H N N 380 
VAL HG11 H N N 381 
VAL HG12 H N N 382 
VAL HG13 H N N 383 
VAL HG21 H N N 384 
VAL HG22 H N N 385 
VAL HG23 H N N 386 
VAL HXT  H N N 387 
# 
loop_
_chem_comp_bond.comp_id 
_chem_comp_bond.atom_id_1 
_chem_comp_bond.atom_id_2 
_chem_comp_bond.value_order 
_chem_comp_bond.pdbx_aromatic_flag 
_chem_comp_bond.pdbx_stereo_config 
_chem_comp_bond.pdbx_ordinal 
ALA N   CA   sing N N 1   
ALA N   H    sing N N 2   
ALA N   H2   sing N N 3   
ALA CA  C    sing N N 4   
ALA CA  CB   sing N N 5   
ALA CA  HA   sing N N 6   
ALA C   O    doub N N 7   
ALA C   OXT  sing N N 8   
ALA CB  HB1  sing N N 9   
ALA CB  HB2  sing N N 10  
ALA CB  HB3  sing N N 11  
ALA OXT HXT  sing N N 12  
ARG N   CA   sing N N 13  
ARG N   H    sing N N 14  
ARG N   H2   sing N N 15  
ARG CA  C    sing N N 16  
ARG CA  CB   sing N N 17  
ARG CA  HA   sing N N 18  
ARG C   O    doub N N 19  
ARG C   OXT  sing N N 20  
ARG CB  CG   sing N N 21  
ARG CB  HB2  sing N N 22  
ARG CB  HB3  sing N N 23  
ARG CG  CD   sing N N 24  
ARG CG  HG2  sing N N 25  
ARG CG  HG3  sing N N 26  
ARG CD  NE   sing N N 27  
ARG CD  HD2  sing N N 28  
ARG CD  HD3  sing N N 29  
ARG NE  CZ   sing N N 30  
ARG NE  HE   sing N N 31  
ARG CZ  NH1  sing N N 32  
ARG CZ  NH2  doub N N 33  
ARG NH1 HH11 sing N N 34  
ARG NH1 HH12 sing N N 35  
ARG NH2 HH21 sing N N 36  
ARG NH2 HH22 sing N N 37  
ARG OXT HXT  sing N N 38  
ASN N   CA   sing N N 39  
ASN N   H    sing N N 40  
ASN N   H2   sing N N 41  
ASN CA  C    sing N N 42  
ASN CA  CB   sing N N 43  
ASN CA  HA   sing N N 44  
ASN C   O    doub N N 45  
ASN C   OXT  sing N N 46  
ASN CB  CG   sing N N 47  
ASN CB  HB2  sing N N 48  
ASN CB  HB3  sing N N 49  
ASN CG  OD1  doub N N 50  
ASN CG  ND2  sing N N 51  
ASN ND2 HD21 sing N N 52  
ASN ND2 HD22 sing N N 53  
ASN OXT HXT  sing N N 54  
ASP N   CA   sing N N 55  
ASP N   H    sing N N 56  
ASP N   H2   sing N N 57  
ASP CA  C    sing N N 58  
ASP CA  CB   sing N N 59  
ASP CA  HA   sing N N 60  
ASP C   O    doub N N 61  
ASP C   OXT  sing N N 62  
ASP CB  CG   sing N N 63  
ASP CB  HB2  sing N N 64  
ASP CB  HB3  sing N N 65  
ASP CG  OD1  doub N N 66  
ASP CG  OD2  sing N N 67  
ASP OD2 HD2  sing N N 68  
ASP OXT HXT  sing N N 69  
CYS N   CA   sing N N 70  
CYS N   H    sing N N 71  
CYS N   H2   sing N N 72  
CYS CA  C    sing N N 73  
CYS CA  CB   sing N N 74  
CYS CA  HA   sing N N 75  
CYS C   O    doub N N 76  
CYS C   OXT  sing N N 77  
CYS CB  SG   sing N N 78  
CYS CB  HB2  sing N N 79  
CYS CB  HB3  sing N N 80  
CYS SG  HG   sing N N 81  
CYS OXT HXT  sing N N 82  
GLN N   CA   sing N N 83  
GLN N   H    sing N N 84  
GLN N   H2   sing N N 85  
GLN CA  C    sing N N 86  
GLN CA  CB   sing N N 87  
GLN CA  HA   sing N N 88  
GLN C   O    doub N N 89  
GLN C   OXT  sing N N 90  
GLN CB  CG   sing N N 91  
GLN CB  HB2  sing N N 92  
GLN CB  HB3  sing N N 93  
GLN CG  CD   sing N N 94  
GLN CG  HG2  sing N N 95  
GLN CG  HG3  sing N N 96  
GLN CD  OE1  doub N N 97  
GLN CD  NE2  sing N N 98  
GLN NE2 HE21 sing N N 99  
GLN NE2 HE22 sing N N 100 
GLN OXT HXT  sing N N 101 
GLU N   CA   sing N N 102 
GLU N   H    sing N N 103 
GLU N   H2   sing N N 104 
GLU CA  C    sing N N 105 
GLU CA  CB   sing N N 106 
GLU CA  HA   sing N N 107 
GLU C   O    doub N N 108 
GLU C   OXT  sing N N 109 
GLU CB  CG   sing N N 110 
GLU CB  HB2  sing N N 111 
GLU CB  HB3  sing N N 112 
GLU CG  CD   sing N N 113 
GLU CG  HG2  sing N N 114 
GLU CG  HG3  sing N N 115 
GLU CD  OE1  doub N N 116 
GLU CD  OE2  sing N N 117 
GLU OE2 HE2  sing N N 118 
GLU OXT HXT  sing N N 119 
GLY N   CA   sing N N 120 
GLY N   H    sing N N 121 
GLY N   H2   sing N N 122 
GLY CA  C    sing N N 123 
GLY CA  HA2  sing N N 124 
GLY CA  HA3  sing N N 125 
GLY C   O    doub N N 126 
GLY C   OXT  sing N N 127 
GLY OXT HXT  sing N N 128 
HIS N   CA   sing N N 129 
HIS N   H    sing N N 130 
HIS N   H2   sing N N 131 
HIS CA  C    sing N N 132 
HIS CA  CB   sing N N 133 
HIS CA  HA   sing N N 134 
HIS C   O    doub N N 135 
HIS C   OXT  sing N N 136 
HIS CB  CG   sing N N 137 
HIS CB  HB2  sing N N 138 
HIS CB  HB3  sing N N 139 
HIS CG  ND1  sing Y N 140 
HIS CG  CD2  doub Y N 141 
HIS ND1 CE1  doub Y N 142 
HIS ND1 HD1  sing N N 143 
HIS CD2 NE2  sing Y N 144 
HIS CD2 HD2  sing N N 145 
HIS CE1 NE2  sing Y N 146 
HIS CE1 HE1  sing N N 147 
HIS NE2 HE2  sing N N 148 
HIS OXT HXT  sing N N 149 
ILE N   CA   sing N N 150 
ILE N   H    sing N N 151 
ILE N   H2   sing N N 152 
ILE CA  C    sing N N 153 
ILE CA  CB   sing N N 154 
ILE CA  HA   sing N N 155 
ILE C   O    doub N N 156 
ILE C   OXT  sing N N 157 
ILE CB  CG1  sing N N 158 
ILE CB  CG2  sing N N 159 
ILE CB  HB   sing N N 160 
ILE CG1 CD1  sing N N 161 
ILE CG1 HG12 sing N N 162 
ILE CG1 HG13 sing N N 163 
ILE CG2 HG21 sing N N 164 
ILE CG2 HG22 sing N N 165 
ILE CG2 HG23 sing N N 166 
ILE CD1 HD11 sing N N 167 
ILE CD1 HD12 sing N N 168 
ILE CD1 HD13 sing N N 169 
ILE OXT HXT  sing N N 170 
LEU N   CA   sing N N 171 
LEU N   H    sing N N 172 
LEU N   H2   sing N N 173 
LEU CA  C    sing N N 174 
LEU CA  CB   sing N N 175 
LEU CA  HA   sing N N 176 
LEU C   O    doub N N 177 
LEU C   OXT  sing N N 178 
LEU CB  CG   sing N N 179 
LEU CB  HB2  sing N N 180 
LEU CB  HB3  sing N N 181 
LEU CG  CD1  sing N N 182 
LEU CG  CD2  sing N N 183 
LEU CG  HG   sing N N 184 
LEU CD1 HD11 sing N N 185 
LEU CD1 HD12 sing N N 186 
LEU CD1 HD13 sing N N 187 
LEU CD2 HD21 sing N N 188 
LEU CD2 HD22 sing N N 189 
LEU CD2 HD23 sing N N 190 
LEU OXT HXT  sing N N 191 
LYS N   CA   sing N N 192 
LYS N   H    sing N N 193 
LYS N   H2   sing N N 194 
LYS CA  C    sing N N 195 
LYS CA  CB   sing N N 196 
LYS CA  HA   sing N N 197 
LYS C   O    doub N N 198 
LYS C   OXT  sing N N 199 
LYS CB  CG   sing N N 200 
LYS CB  HB2  sing N N 201 
LYS CB  HB3  sing N N 202 
LYS CG  CD   sing N N 203 
LYS CG  HG2  sing N N 204 
LYS CG  HG3  sing N N 205 
LYS CD  CE   sing N N 206 
LYS CD  HD2  sing N N 207 
LYS CD  HD3  sing N N 208 
LYS CE  NZ   sing N N 209 
LYS CE  HE2  sing N N 210 
LYS CE  HE3  sing N N 211 
LYS NZ  HZ1  sing N N 212 
LYS NZ  HZ2  sing N N 213 
LYS NZ  HZ3  sing N N 214 
LYS OXT HXT  sing N N 215 
MET N   CA   sing N N 216 
MET N   H    sing N N 217 
MET N   H2   sing N N 218 
MET CA  C    sing N N 219 
MET CA  CB   sing N N 220 
MET CA  HA   sing N N 221 
MET C   O    doub N N 222 
MET C   OXT  sing N N 223 
MET CB  CG   sing N N 224 
MET CB  HB2  sing N N 225 
MET CB  HB3  sing N N 226 
MET CG  SD   sing N N 227 
MET CG  HG2  sing N N 228 
MET CG  HG3  sing N N 229 
MET SD  CE   sing N N 230 
MET CE  HE1  sing N N 231 
MET CE  HE2  sing N N 232 
MET CE  HE3  sing N N 233 
MET OXT HXT  sing N N 234 
PHE N   CA   sing N N 235 
PHE N   H    sing N N 236 
PHE N   H2   sing N N 237 
PHE CA  C    sing N N 238 
PHE CA  CB   sing N N 239 
PHE CA  HA   sing N N 240 
PHE C   O    doub N N 241 
PHE C   OXT  sing N N 242 
PHE CB  CG   sing N N 243 
PHE CB  HB2  sing N N 244 
PHE CB  HB3  sing N N 245 
PHE CG  CD1  doub Y N 246 
PHE CG  CD2  sing Y N 247 
PHE CD1 CE1  sing Y N 248 
PHE CD1 HD1  sing N N 249 
PHE CD2 CE2  doub Y N 250 
PHE CD2 HD2  sing N N 251 
PHE CE1 CZ   doub Y N 252 
PHE CE1 HE1  sing N N 253 
PHE CE2 CZ   sing Y N 254 
PHE CE2 HE2  sing N N 255 
PHE CZ  HZ   sing N N 256 
PHE OXT HXT  sing N N 257 
PRO N   CA   sing N N 258 
PRO N   CD   sing N N 259 
PRO N   H    sing N N 260 
PRO CA  C    sing N N 261 
PRO CA  CB   sing N N 262 
PRO CA  HA   sing N N 263 
PRO C   O    doub N N 264 
PRO C   OXT  sing N N 265 
PRO CB  CG   sing N N 266 
PRO CB  HB2  sing N N 267 
PRO CB  HB3  sing N N 268 
PRO CG  CD   sing N N 269 
PRO CG  HG2  sing N N 270 
PRO CG  HG3  sing N N 271 
PRO CD  HD2  sing N N 272 
PRO CD  HD3  sing N N 273 
PRO OXT HXT  sing N N 274 
SER N   CA   sing N N 275 
SER N   H    sing N N 276 
SER N   H2   sing N N 277 
SER CA  C    sing N N 278 
SER CA  CB   sing N N 279 
SER CA  HA   sing N N 280 
SER C   O    doub N N 281 
SER C   OXT  sing N N 282 
SER CB  OG   sing N N 283 
SER CB  HB2  sing N N 284 
SER CB  HB3  sing N N 285 
SER OG  HG   sing N N 286 
SER OXT HXT  sing N N 287 
THR N   CA   sing N N 288 
THR N   H    sing N N 289 
THR N   H2   sing N N 290 
THR CA  C    sing N N 291 
THR CA  CB   sing N N 292 
THR CA  HA   sing N N 293 
THR C   O    doub N N 294 
THR C   OXT  sing N N 295 
THR CB  OG1  sing N N 296 
THR CB  CG2  sing N N 297 
THR CB  HB   sing N N 298 
THR OG1 HG1  sing N N 299 
THR CG2 HG21 sing N N 300 
THR CG2 HG22 sing N N 301 
THR CG2 HG23 sing N N 302 
THR OXT HXT  sing N N 303 
TRP N   CA   sing N N 304 
TRP N   H    sing N N 305 
TRP N   H2   sing N N 306 
TRP CA  C    sing N N 307 
TRP CA  CB   sing N N 308 
TRP CA  HA   sing N N 309 
TRP C   O    doub N N 310 
TRP C   OXT  sing N N 311 
TRP CB  CG   sing N N 312 
TRP CB  HB2  sing N N 313 
TRP CB  HB3  sing N N 314 
TRP CG  CD1  doub Y N 315 
TRP CG  CD2  sing Y N 316 
TRP CD1 NE1  sing Y N 317 
TRP CD1 HD1  sing N N 318 
TRP CD2 CE2  doub Y N 319 
TRP CD2 CE3  sing Y N 320 
TRP NE1 CE2  sing Y N 321 
TRP NE1 HE1  sing N N 322 
TRP CE2 CZ2  sing Y N 323 
TRP CE3 CZ3  doub Y N 324 
TRP CE3 HE3  sing N N 325 
TRP CZ2 CH2  doub Y N 326 
TRP CZ2 HZ2  sing N N 327 
TRP CZ3 CH2  sing Y N 328 
TRP CZ3 HZ3  sing N N 329 
TRP CH2 HH2  sing N N 330 
TRP OXT HXT  sing N N 331 
TYR N   CA   sing N N 332 
TYR N   H    sing N N 333 
TYR N   H2   sing N N 334 
TYR CA  C    sing N N 335 
TYR CA  CB   sing N N 336 
TYR CA  HA   sing N N 337 
TYR C   O    doub N N 338 
TYR C   OXT  sing N N 339 
TYR CB  CG   sing N N 340 
TYR CB  HB2  sing N N 341 
TYR CB  HB3  sing N N 342 
TYR CG  CD1  doub Y N 343 
TYR CG  CD2  sing Y N 344 
TYR CD1 CE1  sing Y N 345 
TYR CD1 HD1  sing N N 346 
TYR CD2 CE2  doub Y N 347 
TYR CD2 HD2  sing N N 348 
TYR CE1 CZ   doub Y N 349 
TYR CE1 HE1  sing N N 350 
TYR CE2 CZ   sing Y N 351 
TYR CE2 HE2  sing N N 352 
TYR CZ  OH   sing N N 353 
TYR OH  HH   sing N N 354 
TYR OXT HXT  sing N N 355 
VAL N   CA   sing N N 356 
VAL N   H    sing N N 357 
VAL N   H2   sing N N 358 
VAL CA  C    sing N N 359 
VAL CA  CB   sing N N 360 
VAL CA  HA   sing N N 361 
VAL C   O    doub N N 362 
VAL C   OXT  sing N N 363 
VAL CB  CG1  sing N N 364 
VAL CB  CG2  sing N N 365 
VAL CB  HB   sing N N 366 
VAL CG1 HG11 sing N N 367 
VAL CG1 HG12 sing N N 368 
VAL CG1 HG13 sing N N 369 
VAL CG2 HG21 sing N N 370 
VAL CG2 HG22 sing N N 371 
VAL CG2 HG23 sing N N 372 
VAL OXT HXT  sing N N 373 
# 
_pdbx_coordinate_model.asym_id   A 
_pdbx_coordinate_model.type      'CA ATOMS ONLY' 
# 
_pdbx_initial_refinement_model.id               1 
_pdbx_initial_refinement_model.entity_id_list   ? 
_pdbx_initial_refinement_model.type             'experimental model' 
_pdbx_initial_refinement_model.source_name      PDB 
_pdbx_initial_refinement_model.accession_code   1IAM 
_pdbx_initial_refinement_model.details          'PDB ENTRY 1IAM' 
# 
